data_7XQM
#
_entry.id   7XQM
#
_cell.length_a   136.380
_cell.length_b   82.760
_cell.length_c   92.660
_cell.angle_alpha   90.000
_cell.angle_beta   111.995
_cell.angle_gamma   90.000
#
_symmetry.space_group_name_H-M   'C 1 2 1'
#
loop_
_entity.id
_entity.type
_entity.pdbx_description
1 polymer Dehydrogenase
2 non-polymer S-ADENOSYL-L-HOMOCYSTEINE
3 water water
#
_entity_poly.entity_id   1
_entity_poly.type   'polypeptide(L)'
_entity_poly.pdbx_seq_one_letter_code
;MGLFAGKGVLVTGGGIGAIAQAFAREGALVALCDLRPEGKEVAEAIGGAFFQVDLEDERERVRFVEEAAYALGRVDVLVN
NAAIAAPGSALTVRLPEWRRVLEVNLTAPMHLSALAAREMRKVGGGAIVNVASVQGLFAEQENAAYNASKGGLVNLTRSL
ALDLAPLRIRVNAVAPGAIATEAVLEAIALSPDPERTRRDWEDLHALRRLGKPEEVAEAVLFLASEKASFITGAILPVDG
GMTASFMMAGRPV
;
_entity_poly.pdbx_strand_id   A,B,C,D
#
# COMPACT_ATOMS: atom_id res chain seq x y z
N GLY A 2 27.32 23.22 -5.70
CA GLY A 2 26.00 22.70 -5.31
C GLY A 2 25.92 21.21 -5.52
N LEU A 3 24.78 20.62 -5.19
CA LEU A 3 24.59 19.16 -5.36
C LEU A 3 24.44 18.83 -6.85
N PHE A 4 24.24 19.83 -7.70
CA PHE A 4 24.01 19.60 -9.15
C PHE A 4 24.90 20.55 -9.96
N ALA A 5 26.01 21.00 -9.39
CA ALA A 5 26.94 21.92 -10.06
C ALA A 5 27.39 21.32 -11.40
N GLY A 6 27.10 22.03 -12.50
CA GLY A 6 27.50 21.61 -13.84
C GLY A 6 26.54 20.64 -14.53
N LYS A 7 25.61 20.06 -13.76
CA LYS A 7 24.71 19.04 -14.25
C LYS A 7 23.58 19.65 -15.09
N GLY A 8 23.10 18.86 -16.04
CA GLY A 8 21.98 19.26 -16.89
C GLY A 8 20.68 18.68 -16.39
N VAL A 9 19.71 19.57 -16.17
CA VAL A 9 18.43 19.19 -15.59
C VAL A 9 17.29 19.64 -16.49
N LEU A 10 16.43 18.69 -16.86
CA LEU A 10 15.20 18.96 -17.64
C LEU A 10 13.99 18.93 -16.69
N VAL A 11 13.14 19.95 -16.80
CA VAL A 11 11.91 20.06 -16.02
C VAL A 11 10.73 20.32 -16.95
N THR A 12 9.81 19.36 -17.01
CA THR A 12 8.57 19.50 -17.82
C THR A 12 7.53 20.23 -16.97
N GLY A 13 6.74 21.11 -17.58
CA GLY A 13 5.83 21.95 -16.84
C GLY A 13 6.57 22.63 -15.70
N GLY A 14 7.69 23.30 -16.03
CA GLY A 14 8.49 24.04 -15.08
C GLY A 14 8.09 25.50 -14.88
N GLY A 15 6.96 25.88 -15.49
CA GLY A 15 6.45 27.25 -15.50
C GLY A 15 6.14 27.84 -14.15
N ILE A 16 5.70 27.01 -13.20
CA ILE A 16 5.50 27.41 -11.81
C ILE A 16 6.82 27.92 -11.22
N GLY A 17 7.91 27.19 -11.47
CA GLY A 17 9.27 27.68 -11.24
C GLY A 17 10.00 27.24 -10.02
N ALA A 18 9.26 26.69 -9.04
CA ALA A 18 9.85 26.25 -7.78
C ALA A 18 10.93 25.20 -8.00
N ILE A 19 10.62 24.19 -8.80
CA ILE A 19 11.52 23.07 -9.06
C ILE A 19 12.77 23.52 -9.82
N ALA A 20 12.56 24.26 -10.91
CA ALA A 20 13.63 24.88 -11.69
C ALA A 20 14.55 25.74 -10.81
N GLN A 21 13.96 26.62 -10.00
CA GLN A 21 14.72 27.50 -9.13
C GLN A 21 15.60 26.70 -8.18
N ALA A 22 15.02 25.63 -7.61
CA ALA A 22 15.68 24.77 -6.63
C ALA A 22 16.95 24.12 -7.21
N PHE A 23 16.86 23.60 -8.43
CA PHE A 23 18.00 23.00 -9.10
C PHE A 23 19.05 24.05 -9.47
N ALA A 24 18.58 25.18 -10.02
CA ALA A 24 19.44 26.30 -10.39
C ALA A 24 20.24 26.78 -9.18
N ARG A 25 19.56 26.93 -8.05
CA ARG A 25 20.17 27.35 -6.75
C ARG A 25 21.30 26.40 -6.36
N GLU A 26 21.26 25.13 -6.78
CA GLU A 26 22.32 24.14 -6.50
C GLU A 26 23.29 23.96 -7.68
N GLY A 27 23.29 24.92 -8.61
CA GLY A 27 24.29 25.00 -9.67
C GLY A 27 23.98 24.25 -10.95
N ALA A 28 22.72 23.83 -11.12
CA ALA A 28 22.31 23.09 -12.30
C ALA A 28 22.14 24.02 -13.51
N LEU A 29 22.38 23.46 -14.70
CA LEU A 29 21.95 24.05 -15.95
C LEU A 29 20.56 23.49 -16.25
N VAL A 30 19.56 24.38 -16.22
CA VAL A 30 18.17 23.95 -16.29
C VAL A 30 17.58 24.29 -17.65
N ALA A 31 16.98 23.29 -18.29
CA ALA A 31 16.09 23.48 -19.43
C ALA A 31 14.69 23.12 -18.98
N LEU A 32 13.77 24.08 -19.03
CA LEU A 32 12.38 23.82 -18.72
C LEU A 32 11.50 24.05 -19.94
N CYS A 33 10.36 23.36 -19.97
CA CYS A 33 9.35 23.57 -20.97
C CYS A 33 8.00 23.72 -20.32
N ASP A 34 7.08 24.37 -21.03
CA ASP A 34 5.74 24.61 -20.55
C ASP A 34 4.90 25.08 -21.73
N LEU A 35 3.58 24.83 -21.64
CA LEU A 35 2.63 25.29 -22.62
C LEU A 35 2.49 26.81 -22.52
N ARG A 36 2.50 27.33 -21.29
CA ARG A 36 2.29 28.76 -20.96
C ARG A 36 3.61 29.51 -21.17
N PRO A 37 3.60 30.66 -21.89
CA PRO A 37 4.83 31.39 -22.19
C PRO A 37 5.54 32.02 -20.98
N GLU A 38 4.92 32.05 -19.81
CA GLU A 38 5.52 32.69 -18.60
C GLU A 38 6.74 31.94 -18.04
N GLY A 39 7.00 30.72 -18.51
CA GLY A 39 8.18 29.94 -18.08
C GLY A 39 9.45 30.56 -18.61
N LYS A 40 9.34 31.47 -19.57
CA LYS A 40 10.53 32.19 -20.09
C LYS A 40 11.07 33.09 -18.99
N GLU A 41 10.18 33.71 -18.23
CA GLU A 41 10.57 34.59 -17.09
C GLU A 41 11.30 33.74 -16.06
N VAL A 42 10.84 32.54 -15.76
CA VAL A 42 11.51 31.60 -14.88
C VAL A 42 12.92 31.27 -15.40
N ALA A 43 13.01 30.93 -16.70
CA ALA A 43 14.30 30.57 -17.30
C ALA A 43 15.29 31.73 -17.32
N GLU A 44 14.81 32.91 -17.68
CA GLU A 44 15.62 34.13 -17.66
C GLU A 44 16.08 34.45 -16.25
N ALA A 45 15.15 34.40 -15.30
CA ALA A 45 15.43 34.63 -13.89
C ALA A 45 16.52 33.73 -13.29
N ILE A 46 16.77 32.54 -13.88
CA ILE A 46 17.69 31.53 -13.32
C ILE A 46 18.85 31.14 -14.20
N GLY A 47 18.96 31.77 -15.38
CA GLY A 47 20.03 31.49 -16.31
C GLY A 47 19.88 30.16 -17.01
N GLY A 48 18.63 29.76 -17.28
CA GLY A 48 18.34 28.51 -17.97
C GLY A 48 17.67 28.72 -19.32
N ALA A 49 17.43 27.62 -20.04
CA ALA A 49 16.73 27.65 -21.32
C ALA A 49 15.24 27.36 -21.12
N PHE A 50 14.39 28.01 -21.92
CA PHE A 50 12.95 27.75 -21.96
C PHE A 50 12.50 27.32 -23.33
N PHE A 51 11.61 26.33 -23.38
CA PHE A 51 11.00 25.86 -24.61
C PHE A 51 9.49 25.83 -24.42
N GLN A 52 8.74 26.49 -25.31
CA GLN A 52 7.29 26.41 -25.29
C GLN A 52 6.93 25.11 -25.99
N VAL A 53 6.31 24.18 -25.25
CA VAL A 53 6.07 22.82 -25.70
C VAL A 53 4.71 22.32 -25.25
N ASP A 54 4.00 21.66 -26.16
CA ASP A 54 2.81 20.91 -25.81
C ASP A 54 3.15 19.42 -25.71
N LEU A 55 3.25 18.94 -24.47
CA LEU A 55 3.68 17.58 -24.16
C LEU A 55 2.70 16.53 -24.61
N GLU A 56 1.50 16.95 -25.01
CA GLU A 56 0.53 16.04 -25.61
C GLU A 56 1.04 15.45 -26.93
N ASP A 57 1.88 16.20 -27.65
CA ASP A 57 2.36 15.85 -28.95
C ASP A 57 3.73 15.14 -28.90
N GLU A 58 3.77 13.89 -29.39
CA GLU A 58 4.99 13.09 -29.34
C GLU A 58 6.18 13.68 -30.07
N ARG A 59 5.91 14.35 -31.20
CA ARG A 59 6.96 15.04 -31.99
C ARG A 59 7.55 16.19 -31.15
N GLU A 60 6.69 16.95 -30.49
CA GLU A 60 7.14 18.04 -29.63
C GLU A 60 8.01 17.55 -28.46
N ARG A 61 7.66 16.39 -27.91
CA ARG A 61 8.41 15.75 -26.80
C ARG A 61 9.83 15.40 -27.28
N VAL A 62 9.95 14.79 -28.47
CA VAL A 62 11.24 14.46 -29.07
C VAL A 62 12.08 15.73 -29.27
N ARG A 63 11.46 16.75 -29.83
CA ARG A 63 12.16 18.01 -30.18
C ARG A 63 12.67 18.68 -28.89
N PHE A 64 11.88 18.62 -27.82
CA PHE A 64 12.28 19.24 -26.56
C PHE A 64 13.56 18.61 -26.00
N VAL A 65 13.59 17.27 -25.91
CA VAL A 65 14.74 16.58 -25.34
C VAL A 65 15.99 16.79 -26.20
N GLU A 66 15.84 16.70 -27.53
CA GLU A 66 16.95 16.90 -28.46
C GLU A 66 17.57 18.30 -28.31
N GLU A 67 16.72 19.33 -28.34
CA GLU A 67 17.17 20.71 -28.27
C GLU A 67 17.66 21.14 -26.89
N ALA A 68 17.02 20.62 -25.84
CA ALA A 68 17.44 20.90 -24.48
C ALA A 68 18.81 20.25 -24.19
N ALA A 69 18.96 18.99 -24.62
CA ALA A 69 20.21 18.24 -24.53
C ALA A 69 21.34 19.01 -25.20
N TYR A 70 21.08 19.50 -26.41
CA TYR A 70 22.04 20.30 -27.21
C TYR A 70 22.37 21.60 -26.45
N ALA A 71 21.36 22.32 -25.98
CA ALA A 71 21.56 23.57 -25.27
C ALA A 71 22.40 23.37 -24.00
N LEU A 72 22.12 22.31 -23.22
CA LEU A 72 22.78 22.06 -21.95
C LEU A 72 24.14 21.36 -22.04
N GLY A 73 24.34 20.60 -23.12
CA GLY A 73 25.55 19.82 -23.30
C GLY A 73 25.51 18.43 -22.71
N ARG A 74 24.54 18.16 -21.86
CA ARG A 74 24.43 16.88 -21.09
C ARG A 74 23.06 16.85 -20.40
N VAL A 75 22.56 15.64 -20.16
CA VAL A 75 21.34 15.40 -19.40
C VAL A 75 21.62 14.46 -18.24
N ASP A 76 21.42 14.98 -17.01
CA ASP A 76 21.64 14.23 -15.77
C ASP A 76 20.36 13.86 -15.03
N VAL A 77 19.34 14.71 -15.16
CA VAL A 77 18.10 14.65 -14.41
C VAL A 77 16.96 15.07 -15.32
N LEU A 78 15.86 14.31 -15.22
CA LEU A 78 14.58 14.66 -15.80
C LEU A 78 13.59 14.72 -14.66
N VAL A 79 12.81 15.81 -14.61
CA VAL A 79 11.67 15.92 -13.72
C VAL A 79 10.43 16.06 -14.58
N ASN A 80 9.54 15.07 -14.52
CA ASN A 80 8.24 15.12 -15.19
C ASN A 80 7.24 15.73 -14.25
N ASN A 81 6.90 16.99 -14.47
CA ASN A 81 5.96 17.70 -13.62
C ASN A 81 4.67 18.20 -14.25
N ALA A 82 4.57 18.12 -15.57
CA ALA A 82 3.36 18.59 -16.25
C ALA A 82 2.19 17.62 -16.00
N ALA A 83 1.01 18.18 -15.75
CA ALA A 83 -0.21 17.38 -15.63
C ALA A 83 -1.45 18.18 -15.94
N ILE A 84 -2.51 17.50 -16.37
CA ILE A 84 -3.81 18.08 -16.61
C ILE A 84 -4.86 17.14 -16.04
N ALA A 85 -6.11 17.61 -16.01
CA ALA A 85 -7.26 16.87 -15.52
C ALA A 85 -8.44 17.10 -16.48
N ALA A 86 -9.42 16.22 -16.43
CA ALA A 86 -10.66 16.31 -17.19
C ALA A 86 -11.79 16.04 -16.20
N PRO A 87 -12.62 17.05 -15.89
CA PRO A 87 -13.67 16.89 -14.87
C PRO A 87 -14.59 15.70 -15.19
N GLY A 88 -15.02 14.96 -14.18
CA GLY A 88 -16.06 13.96 -14.36
C GLY A 88 -15.68 12.57 -13.88
N SER A 89 -16.73 11.81 -13.57
CA SER A 89 -16.65 10.39 -13.36
C SER A 89 -16.58 9.75 -14.73
N ALA A 90 -16.45 8.42 -14.76
CA ALA A 90 -16.49 7.66 -16.00
C ALA A 90 -17.80 7.89 -16.76
N LEU A 91 -18.87 8.25 -16.05
CA LEU A 91 -20.17 8.50 -16.67
C LEU A 91 -20.22 9.77 -17.49
N THR A 92 -19.47 10.79 -17.08
CA THR A 92 -19.61 12.14 -17.65
C THR A 92 -18.41 12.67 -18.40
N VAL A 93 -17.24 12.06 -18.23
CA VAL A 93 -16.03 12.48 -18.93
C VAL A 93 -16.13 12.10 -20.41
N ARG A 94 -15.65 12.99 -21.28
CA ARG A 94 -15.62 12.70 -22.73
C ARG A 94 -14.38 11.86 -23.04
N LEU A 95 -14.51 10.90 -23.96
CA LEU A 95 -13.36 10.04 -24.29
C LEU A 95 -12.15 10.82 -24.82
N PRO A 96 -12.33 11.81 -25.73
CA PRO A 96 -11.20 12.63 -26.17
C PRO A 96 -10.46 13.30 -25.00
N GLU A 97 -11.14 13.84 -24.00
CA GLU A 97 -10.49 14.51 -22.84
C GLU A 97 -9.76 13.47 -21.99
N TRP A 98 -10.38 12.33 -21.75
CA TRP A 98 -9.79 11.20 -21.04
C TRP A 98 -8.46 10.79 -21.69
N ARG A 99 -8.47 10.63 -23.00
CA ARG A 99 -7.26 10.18 -23.73
C ARG A 99 -6.16 11.24 -23.65
N ARG A 100 -6.52 12.52 -23.72
CA ARG A 100 -5.55 13.64 -23.61
C ARG A 100 -4.85 13.64 -22.25
N VAL A 101 -5.58 13.40 -21.15
CA VAL A 101 -4.98 13.30 -19.78
C VAL A 101 -4.02 12.10 -19.74
N LEU A 102 -4.42 10.96 -20.30
CA LEU A 102 -3.56 9.75 -20.26
C LEU A 102 -2.30 10.00 -21.08
N GLU A 103 -2.40 10.79 -22.15
CA GLU A 103 -1.24 11.14 -22.99
C GLU A 103 -0.29 12.06 -22.24
N VAL A 104 -0.82 13.08 -21.57
CA VAL A 104 0.08 14.08 -20.93
C VAL A 104 0.54 13.56 -19.58
N ASN A 105 -0.35 12.91 -18.85
CA ASN A 105 0.01 12.51 -17.49
C ASN A 105 0.77 11.20 -17.38
N LEU A 106 0.63 10.33 -18.39
CA LEU A 106 1.14 8.97 -18.33
C LEU A 106 2.10 8.62 -19.48
N THR A 107 1.63 8.81 -20.71
CA THR A 107 2.40 8.53 -21.90
C THR A 107 3.58 9.47 -22.04
N ALA A 108 3.35 10.76 -21.84
CA ALA A 108 4.44 11.76 -21.94
C ALA A 108 5.58 11.42 -20.99
N PRO A 109 5.39 11.23 -19.67
CA PRO A 109 6.52 10.84 -18.81
C PRO A 109 7.25 9.55 -19.25
N MET A 110 6.51 8.55 -19.74
CA MET A 110 7.13 7.32 -20.22
C MET A 110 8.10 7.64 -21.36
N HIS A 111 7.58 8.36 -22.35
CA HIS A 111 8.31 8.75 -23.54
C HIS A 111 9.53 9.62 -23.23
N LEU A 112 9.31 10.63 -22.40
CA LEU A 112 10.34 11.57 -21.99
C LEU A 112 11.44 10.89 -21.16
N SER A 113 11.04 9.92 -20.34
CA SER A 113 11.98 9.11 -19.56
C SER A 113 12.91 8.33 -20.49
N ALA A 114 12.34 7.72 -21.53
CA ALA A 114 13.13 6.98 -22.54
C ALA A 114 14.09 7.89 -23.28
N LEU A 115 13.62 9.05 -23.73
CA LEU A 115 14.44 10.00 -24.47
C LEU A 115 15.60 10.53 -23.59
N ALA A 116 15.25 11.04 -22.40
CA ALA A 116 16.23 11.50 -21.43
C ALA A 116 17.24 10.40 -21.04
N ALA A 117 16.77 9.17 -20.92
CA ALA A 117 17.60 8.03 -20.53
C ALA A 117 18.75 7.80 -21.51
N ARG A 118 18.47 7.91 -22.81
CA ARG A 118 19.46 7.73 -23.90
C ARG A 118 20.57 8.79 -23.74
N GLU A 119 20.19 10.00 -23.33
CA GLU A 119 21.14 11.07 -23.03
C GLU A 119 21.95 10.81 -21.75
N MET A 120 21.30 10.35 -20.69
CA MET A 120 21.98 10.05 -19.42
C MET A 120 23.07 8.96 -19.52
N ARG A 121 22.88 8.00 -20.44
CA ARG A 121 23.88 6.95 -20.77
C ARG A 121 25.22 7.61 -21.09
N LYS A 122 25.20 8.69 -21.86
CA LYS A 122 26.40 9.39 -22.28
C LYS A 122 27.22 9.90 -21.11
N VAL A 123 26.59 10.15 -19.96
CA VAL A 123 27.31 10.61 -18.78
C VAL A 123 27.35 9.60 -17.63
N GLY A 124 26.98 8.34 -17.92
CA GLY A 124 27.10 7.24 -16.97
C GLY A 124 25.97 7.04 -15.99
N GLY A 125 24.85 7.74 -16.21
CA GLY A 125 23.66 7.58 -15.39
C GLY A 125 23.04 8.91 -15.05
N GLY A 126 22.09 8.89 -14.11
CA GLY A 126 21.35 10.06 -13.70
C GLY A 126 20.15 9.68 -12.88
N ALA A 127 19.19 10.61 -12.75
CA ALA A 127 17.97 10.38 -11.95
C ALA A 127 16.74 10.95 -12.62
N ILE A 128 15.61 10.23 -12.50
CA ILE A 128 14.32 10.72 -12.95
C ILE A 128 13.41 10.82 -11.74
N VAL A 129 12.68 11.94 -11.64
CA VAL A 129 11.66 12.11 -10.65
C VAL A 129 10.33 12.46 -11.32
N ASN A 130 9.33 11.60 -11.15
CA ASN A 130 7.97 11.89 -11.60
C ASN A 130 7.16 12.53 -10.48
N VAL A 131 6.50 13.65 -10.79
CA VAL A 131 5.55 14.25 -9.86
C VAL A 131 4.19 13.60 -10.15
N ALA A 132 3.82 12.64 -9.32
CA ALA A 132 2.52 11.98 -9.40
C ALA A 132 1.57 12.82 -8.53
N SER A 133 0.90 12.18 -7.57
CA SER A 133 -0.04 12.85 -6.67
C SER A 133 -0.51 11.80 -5.69
N VAL A 134 -1.06 12.24 -4.56
CA VAL A 134 -1.77 11.33 -3.67
C VAL A 134 -2.97 10.74 -4.44
N GLN A 135 -3.40 11.46 -5.49
CA GLN A 135 -4.49 11.02 -6.36
C GLN A 135 -4.08 9.93 -7.37
N GLY A 136 -2.82 9.47 -7.31
CA GLY A 136 -2.38 8.26 -7.95
C GLY A 136 -2.42 7.03 -7.05
N LEU A 137 -2.54 7.25 -5.74
CA LEU A 137 -2.60 6.18 -4.74
C LEU A 137 -4.02 5.96 -4.24
N PHE A 138 -4.83 7.02 -4.26
CA PHE A 138 -6.23 7.01 -3.85
C PHE A 138 -6.97 7.78 -4.92
N ALA A 139 -8.30 7.72 -4.87
CA ALA A 139 -9.15 8.48 -5.77
C ALA A 139 -9.99 9.49 -5.02
N GLU A 140 -10.73 10.30 -5.79
CA GLU A 140 -11.84 11.12 -5.29
C GLU A 140 -12.94 11.12 -6.36
N GLN A 141 -14.13 11.55 -5.94
CA GLN A 141 -15.29 11.67 -6.82
C GLN A 141 -14.96 12.61 -7.98
N GLU A 142 -15.43 12.23 -9.17
CA GLU A 142 -15.43 13.08 -10.35
C GLU A 142 -14.10 13.56 -10.87
N ASN A 143 -13.11 12.65 -10.87
CA ASN A 143 -11.78 12.97 -11.32
C ASN A 143 -11.08 11.74 -11.89
N ALA A 144 -11.83 10.97 -12.68
CA ALA A 144 -11.43 9.66 -13.15
C ALA A 144 -10.17 9.66 -14.00
N ALA A 145 -10.10 10.57 -14.97
CA ALA A 145 -8.92 10.68 -15.85
C ALA A 145 -7.66 10.89 -15.00
N TYR A 146 -7.70 11.85 -14.08
CA TYR A 146 -6.56 12.20 -13.21
C TYR A 146 -6.17 10.99 -12.36
N ASN A 147 -7.15 10.36 -11.70
CA ASN A 147 -6.90 9.24 -10.82
C ASN A 147 -6.28 8.04 -11.56
N ALA A 148 -6.84 7.74 -12.73
CA ALA A 148 -6.35 6.64 -13.56
C ALA A 148 -4.96 6.92 -14.08
N SER A 149 -4.78 8.10 -14.69
CA SER A 149 -3.49 8.50 -15.26
C SER A 149 -2.38 8.52 -14.20
N LYS A 150 -2.66 9.15 -13.05
CA LYS A 150 -1.70 9.21 -11.96
C LYS A 150 -1.40 7.84 -11.32
N GLY A 151 -2.43 6.98 -11.22
CA GLY A 151 -2.26 5.62 -10.76
C GLY A 151 -1.31 4.84 -11.67
N GLY A 152 -1.45 5.07 -12.98
CA GLY A 152 -0.57 4.48 -13.97
C GLY A 152 0.86 4.98 -13.85
N LEU A 153 1.02 6.28 -13.57
CA LEU A 153 2.33 6.93 -13.42
C LEU A 153 3.08 6.36 -12.23
N VAL A 154 2.33 6.01 -11.18
CA VAL A 154 2.88 5.42 -9.97
C VAL A 154 3.53 4.07 -10.27
N ASN A 155 2.79 3.19 -10.97
CA ASN A 155 3.35 1.90 -11.30
C ASN A 155 4.38 1.98 -12.43
N LEU A 156 4.22 2.96 -13.33
CA LEU A 156 5.23 3.24 -14.35
C LEU A 156 6.56 3.65 -13.70
N THR A 157 6.46 4.44 -12.62
CA THR A 157 7.64 4.83 -11.88
C THR A 157 8.43 3.57 -11.45
N ARG A 158 7.70 2.53 -11.02
CA ARG A 158 8.30 1.23 -10.58
C ARG A 158 8.93 0.52 -11.78
N SER A 159 8.18 0.37 -12.88
CA SER A 159 8.65 -0.19 -14.14
C SER A 159 9.96 0.43 -14.60
N LEU A 160 9.98 1.76 -14.71
CA LEU A 160 11.18 2.50 -15.11
C LEU A 160 12.36 2.25 -14.15
N ALA A 161 12.08 2.16 -12.84
CA ALA A 161 13.13 1.93 -11.85
C ALA A 161 13.79 0.59 -12.09
N LEU A 162 12.99 -0.45 -12.33
CA LEU A 162 13.52 -1.76 -12.60
C LEU A 162 14.33 -1.79 -13.90
N ASP A 163 13.76 -1.23 -14.97
CA ASP A 163 14.37 -1.27 -16.28
C ASP A 163 15.59 -0.39 -16.44
N LEU A 164 15.61 0.75 -15.74
CA LEU A 164 16.69 1.72 -15.88
C LEU A 164 17.81 1.58 -14.82
N ALA A 165 17.62 0.67 -13.86
CA ALA A 165 18.64 0.38 -12.86
C ALA A 165 19.96 -0.01 -13.52
N PRO A 166 19.97 -0.96 -14.49
CA PRO A 166 21.21 -1.34 -15.17
C PRO A 166 21.92 -0.17 -15.88
N LEU A 167 21.20 0.91 -16.21
CA LEU A 167 21.82 2.10 -16.81
C LEU A 167 22.32 3.10 -15.77
N ARG A 168 22.24 2.71 -14.49
CA ARG A 168 22.60 3.55 -13.32
C ARG A 168 21.71 4.80 -13.30
N ILE A 169 20.42 4.64 -13.61
CA ILE A 169 19.45 5.71 -13.51
C ILE A 169 18.40 5.33 -12.47
N ARG A 170 18.30 6.11 -11.39
CA ARG A 170 17.26 5.96 -10.34
C ARG A 170 15.99 6.64 -10.82
N VAL A 171 14.82 6.07 -10.52
CA VAL A 171 13.54 6.65 -10.88
C VAL A 171 12.65 6.59 -9.65
N ASN A 172 12.17 7.74 -9.19
CA ASN A 172 11.23 7.83 -8.08
C ASN A 172 10.11 8.79 -8.41
N ALA A 173 9.08 8.80 -7.57
CA ALA A 173 7.99 9.75 -7.65
C ALA A 173 7.78 10.46 -6.33
N VAL A 174 7.28 11.69 -6.40
CA VAL A 174 6.71 12.37 -5.27
C VAL A 174 5.20 12.40 -5.50
N ALA A 175 4.44 12.27 -4.42
CA ALA A 175 3.00 12.24 -4.47
C ALA A 175 2.44 13.40 -3.65
N PRO A 176 2.37 14.63 -4.21
CA PRO A 176 1.93 15.80 -3.45
C PRO A 176 0.45 15.76 -3.01
N GLY A 177 0.15 16.39 -1.89
CA GLY A 177 -1.20 16.73 -1.51
C GLY A 177 -1.61 18.00 -2.22
N ALA A 178 -2.52 18.76 -1.58
CA ALA A 178 -2.98 20.04 -2.07
C ALA A 178 -1.90 21.12 -1.88
N ILE A 179 -1.39 21.63 -3.01
CA ILE A 179 -0.32 22.60 -3.06
C ILE A 179 -0.87 23.96 -3.53
N ALA A 180 -0.41 25.03 -2.88
CA ALA A 180 -0.89 26.38 -3.16
C ALA A 180 -0.29 26.96 -4.43
N THR A 181 -0.60 26.33 -5.56
CA THR A 181 -0.35 26.87 -6.88
C THR A 181 -1.39 27.94 -7.22
N GLU A 182 -1.11 28.71 -8.26
CA GLU A 182 -2.08 29.75 -8.70
C GLU A 182 -3.39 29.09 -9.16
N ALA A 183 -3.34 27.89 -9.74
CA ALA A 183 -4.61 27.23 -10.11
C ALA A 183 -5.46 26.89 -8.88
N VAL A 184 -4.85 26.32 -7.85
CA VAL A 184 -5.60 25.92 -6.62
C VAL A 184 -6.22 27.15 -5.96
N LEU A 185 -5.45 28.23 -5.85
CA LEU A 185 -5.95 29.46 -5.19
C LEU A 185 -7.07 30.08 -6.03
N GLU A 186 -6.96 29.99 -7.35
CA GLU A 186 -8.02 30.51 -8.25
C GLU A 186 -9.30 29.74 -8.01
N ALA A 187 -9.21 28.41 -7.88
CA ALA A 187 -10.40 27.58 -7.58
C ALA A 187 -10.97 27.97 -6.23
N ILE A 188 -10.12 28.17 -5.23
CA ILE A 188 -10.63 28.65 -3.90
C ILE A 188 -11.43 29.95 -4.13
N ALA A 189 -10.88 30.90 -4.86
CA ALA A 189 -11.54 32.21 -5.10
C ALA A 189 -12.84 32.10 -5.91
N LEU A 190 -12.89 31.17 -6.87
CA LEU A 190 -14.10 31.00 -7.73
C LEU A 190 -15.11 30.08 -7.04
N SER A 191 -14.82 29.65 -5.83
CA SER A 191 -15.77 28.81 -5.03
C SER A 191 -16.87 29.68 -4.42
N PRO A 192 -18.11 29.16 -4.25
CA PRO A 192 -19.17 29.90 -3.57
C PRO A 192 -18.77 30.30 -2.14
N ASP A 193 -17.93 29.52 -1.46
CA ASP A 193 -17.43 29.92 -0.13
C ASP A 193 -15.92 29.74 -0.05
N PRO A 194 -15.12 30.70 -0.57
CA PRO A 194 -13.66 30.58 -0.56
C PRO A 194 -13.05 30.22 0.80
N GLU A 195 -13.54 30.85 1.87
CA GLU A 195 -13.02 30.61 3.22
C GLU A 195 -13.19 29.14 3.60
N ARG A 196 -14.38 28.61 3.35
CA ARG A 196 -14.72 27.19 3.66
C ARG A 196 -13.86 26.26 2.79
N THR A 197 -13.76 26.52 1.48
CA THR A 197 -12.98 25.65 0.60
C THR A 197 -11.53 25.57 1.02
N ARG A 198 -10.96 26.73 1.37
CA ARG A 198 -9.55 26.83 1.84
C ARG A 198 -9.41 25.99 3.11
N ARG A 199 -10.29 26.18 4.09
CA ARG A 199 -10.26 25.46 5.39
C ARG A 199 -10.38 23.94 5.11
N ASP A 200 -11.28 23.53 4.23
CA ASP A 200 -11.45 22.13 3.89
C ASP A 200 -10.21 21.46 3.30
N TRP A 201 -9.55 22.16 2.35
CA TRP A 201 -8.38 21.65 1.69
C TRP A 201 -7.12 21.68 2.58
N GLU A 202 -7.03 22.70 3.44
CA GLU A 202 -5.96 22.76 4.44
C GLU A 202 -6.06 21.54 5.33
N ASP A 203 -7.30 21.23 5.73
CA ASP A 203 -7.61 20.17 6.69
C ASP A 203 -7.56 18.76 6.10
N LEU A 204 -7.14 18.66 4.85
CA LEU A 204 -6.90 17.35 4.23
C LEU A 204 -5.53 16.88 4.71
N HIS A 205 -4.77 17.76 5.35
CA HIS A 205 -3.45 17.46 5.86
C HIS A 205 -3.44 17.56 7.37
N ALA A 206 -2.64 16.70 8.00
CA ALA A 206 -2.40 16.78 9.44
C ALA A 206 -1.78 18.12 9.87
N LEU A 207 -0.98 18.73 8.99
CA LEU A 207 -0.35 20.02 9.26
C LEU A 207 -1.32 21.18 9.06
N ARG A 208 -2.52 20.88 8.55
CA ARG A 208 -3.66 21.84 8.47
C ARG A 208 -3.23 23.13 7.77
N ARG A 209 -2.60 23.00 6.60
CA ARG A 209 -2.28 24.12 5.68
C ARG A 209 -2.05 23.51 4.29
N LEU A 210 -2.10 24.33 3.23
CA LEU A 210 -1.72 23.88 1.90
C LEU A 210 -0.21 23.76 1.89
N GLY A 211 0.30 22.86 1.04
CA GLY A 211 1.72 22.77 0.76
C GLY A 211 2.14 23.92 -0.13
N LYS A 212 3.43 24.28 -0.06
CA LYS A 212 4.01 25.28 -0.96
C LYS A 212 4.76 24.55 -2.07
N PRO A 213 4.78 25.08 -3.32
CA PRO A 213 5.54 24.47 -4.40
C PRO A 213 7.01 24.23 -4.00
N GLU A 214 7.61 25.13 -3.22
CA GLU A 214 8.99 25.00 -2.76
C GLU A 214 9.22 23.70 -1.98
N GLU A 215 8.19 23.31 -1.22
CA GLU A 215 8.25 22.11 -0.42
C GLU A 215 8.26 20.86 -1.32
N VAL A 216 7.45 20.86 -2.38
CA VAL A 216 7.53 19.79 -3.38
C VAL A 216 8.93 19.77 -4.05
N ALA A 217 9.44 20.95 -4.39
CA ALA A 217 10.74 21.11 -5.03
C ALA A 217 11.86 20.46 -4.24
N GLU A 218 11.85 20.65 -2.91
CA GLU A 218 12.85 20.08 -2.02
C GLU A 218 12.87 18.56 -2.05
N ALA A 219 11.68 17.98 -2.08
CA ALA A 219 11.52 16.55 -2.16
C ALA A 219 12.09 16.02 -3.48
N VAL A 220 11.76 16.71 -4.58
CA VAL A 220 12.22 16.36 -5.92
C VAL A 220 13.74 16.46 -5.96
N LEU A 221 14.27 17.56 -5.42
CA LEU A 221 15.70 17.83 -5.36
C LEU A 221 16.45 16.71 -4.64
N PHE A 222 15.95 16.32 -3.47
CA PHE A 222 16.56 15.26 -2.68
C PHE A 222 16.64 13.94 -3.46
N LEU A 223 15.48 13.50 -4.01
CA LEU A 223 15.35 12.26 -4.77
C LEU A 223 16.21 12.21 -6.04
N ALA A 224 16.48 13.37 -6.62
CA ALA A 224 17.34 13.50 -7.79
C ALA A 224 18.84 13.54 -7.46
N SER A 225 19.20 13.71 -6.18
CA SER A 225 20.58 13.90 -5.74
C SER A 225 21.23 12.59 -5.31
N GLU A 226 22.56 12.58 -5.16
CA GLU A 226 23.33 11.37 -4.75
C GLU A 226 23.08 11.11 -3.27
N LYS A 227 22.52 12.05 -2.52
CA LYS A 227 22.06 11.77 -1.17
C LYS A 227 21.00 10.66 -1.14
N ALA A 228 20.30 10.45 -2.27
CA ALA A 228 19.28 9.41 -2.39
C ALA A 228 19.75 8.21 -3.26
N SER A 229 21.05 7.95 -3.25
CA SER A 229 21.70 6.89 -4.08
C SER A 229 21.08 5.49 -3.99
N PHE A 230 20.58 5.12 -2.83
CA PHE A 230 19.97 3.78 -2.65
C PHE A 230 18.43 3.87 -2.62
N ILE A 231 17.88 4.92 -3.23
CA ILE A 231 16.45 5.07 -3.33
C ILE A 231 16.07 5.08 -4.80
N THR A 232 15.40 4.01 -5.23
CA THR A 232 14.81 3.95 -6.56
C THR A 232 13.50 3.18 -6.47
N GLY A 233 12.53 3.56 -7.30
CA GLY A 233 11.22 2.93 -7.32
C GLY A 233 10.27 3.38 -6.24
N ALA A 234 10.71 4.32 -5.39
CA ALA A 234 9.92 4.79 -4.27
C ALA A 234 8.93 5.89 -4.66
N ILE A 235 7.79 5.91 -3.96
CA ILE A 235 6.75 6.89 -4.12
C ILE A 235 6.65 7.64 -2.80
N LEU A 236 7.10 8.89 -2.77
CA LEU A 236 7.19 9.65 -1.53
C LEU A 236 6.04 10.63 -1.42
N PRO A 237 5.07 10.44 -0.50
CA PRO A 237 4.03 11.45 -0.27
C PRO A 237 4.66 12.76 0.21
N VAL A 238 4.19 13.88 -0.35
CA VAL A 238 4.52 15.20 0.17
C VAL A 238 3.18 15.84 0.41
N ASP A 239 2.53 15.41 1.48
CA ASP A 239 1.12 15.63 1.70
C ASP A 239 0.74 15.99 3.14
N GLY A 240 1.71 16.53 3.90
CA GLY A 240 1.49 16.89 5.28
C GLY A 240 0.61 15.96 6.12
N GLY A 241 0.75 14.65 5.89
CA GLY A 241 0.05 13.63 6.67
C GLY A 241 -1.29 13.15 6.15
N MET A 242 -1.71 13.64 4.98
CA MET A 242 -3.00 13.32 4.37
C MET A 242 -3.30 11.83 4.27
N THR A 243 -2.34 11.07 3.74
CA THR A 243 -2.51 9.64 3.50
C THR A 243 -2.16 8.78 4.69
N ALA A 244 -1.82 9.41 5.83
CA ALA A 244 -1.61 8.72 7.09
C ALA A 244 -2.93 8.38 7.81
N SER A 245 -4.01 9.07 7.44
CA SER A 245 -5.37 8.85 7.99
C SER A 245 -6.30 8.21 6.97
N PHE A 246 -7.28 7.44 7.47
CA PHE A 246 -8.36 6.87 6.65
C PHE A 246 -9.53 7.84 6.42
N MET A 247 -9.42 9.04 6.98
CA MET A 247 -10.38 10.11 6.80
C MET A 247 -9.56 11.39 6.65
N MET A 248 -10.17 12.56 6.82
CA MET A 248 -9.45 13.82 6.80
C MET A 248 -8.42 13.87 7.91
N ALA A 249 -7.15 13.94 7.50
CA ALA A 249 -6.03 13.87 8.41
C ALA A 249 -6.02 15.09 9.33
N GLY A 250 -6.51 16.22 8.82
CA GLY A 250 -6.55 17.48 9.56
C GLY A 250 -7.88 17.82 10.20
N ARG A 251 -8.78 16.85 10.22
CA ARG A 251 -10.14 17.02 10.79
C ARG A 251 -10.77 15.65 11.01
N PRO A 252 -10.38 14.93 12.09
CA PRO A 252 -11.02 13.66 12.42
C PRO A 252 -12.50 13.76 12.80
N VAL A 253 -13.21 12.64 12.71
CA VAL A 253 -14.65 12.59 13.08
C VAL A 253 -14.82 11.41 14.03
N MET B 1 28.45 24.41 11.89
CA MET B 1 27.21 25.02 11.30
C MET B 1 26.60 24.06 10.27
N GLY B 2 25.38 24.34 9.78
CA GLY B 2 24.68 23.47 8.81
C GLY B 2 23.19 23.42 9.04
N LEU B 3 22.54 22.35 8.60
CA LEU B 3 21.07 22.21 8.68
C LEU B 3 20.63 21.86 10.09
N PHE B 4 21.56 21.36 10.90
CA PHE B 4 21.23 21.00 12.30
C PHE B 4 22.17 21.77 13.24
N ALA B 5 22.66 22.93 12.81
CA ALA B 5 23.60 23.69 13.63
C ALA B 5 22.94 24.09 14.94
N GLY B 6 23.53 23.66 16.06
CA GLY B 6 23.06 23.99 17.39
C GLY B 6 21.98 23.07 17.93
N LYS B 7 21.37 22.28 17.05
CA LYS B 7 20.21 21.46 17.39
C LYS B 7 20.62 20.23 18.16
N GLY B 8 19.72 19.75 19.02
CA GLY B 8 19.92 18.56 19.83
C GLY B 8 19.26 17.37 19.18
N VAL B 9 20.04 16.31 18.94
CA VAL B 9 19.58 15.13 18.25
C VAL B 9 19.85 13.90 19.09
N LEU B 10 18.80 13.10 19.34
CA LEU B 10 18.87 11.82 20.03
C LEU B 10 18.79 10.68 19.00
N VAL B 11 19.74 9.76 19.11
CA VAL B 11 19.79 8.58 18.19
C VAL B 11 19.85 7.30 19.04
N THR B 12 18.79 6.51 19.01
CA THR B 12 18.74 5.20 19.71
C THR B 12 19.42 4.19 18.80
N GLY B 13 20.18 3.25 19.37
CA GLY B 13 20.92 2.31 18.53
C GLY B 13 21.87 3.04 17.60
N GLY B 14 22.71 3.93 18.15
CA GLY B 14 23.64 4.71 17.34
C GLY B 14 25.05 4.14 17.34
N GLY B 15 25.25 2.94 17.89
CA GLY B 15 26.56 2.26 17.88
C GLY B 15 27.15 2.23 16.50
N ILE B 16 26.34 2.06 15.47
CA ILE B 16 26.83 2.21 14.07
C ILE B 16 26.72 3.71 13.85
N GLY B 17 27.83 4.42 13.85
CA GLY B 17 27.79 5.89 13.84
C GLY B 17 27.30 6.56 12.59
N ALA B 18 26.84 5.83 11.58
CA ALA B 18 26.44 6.48 10.31
C ALA B 18 25.45 7.61 10.56
N ILE B 19 24.36 7.33 11.25
CA ILE B 19 23.31 8.33 11.49
C ILE B 19 23.83 9.48 12.36
N ALA B 20 24.55 9.14 13.42
CA ALA B 20 25.09 10.16 14.36
C ALA B 20 26.14 11.03 13.67
N GLN B 21 26.98 10.44 12.82
CA GLN B 21 28.03 11.19 12.10
C GLN B 21 27.36 12.12 11.10
N ALA B 22 26.29 11.65 10.46
CA ALA B 22 25.55 12.47 9.49
C ALA B 22 24.98 13.75 10.11
N PHE B 23 24.36 13.62 11.29
CA PHE B 23 23.82 14.76 12.01
C PHE B 23 24.94 15.67 12.54
N ALA B 24 25.98 15.05 13.12
CA ALA B 24 27.14 15.76 13.63
C ALA B 24 27.78 16.59 12.53
N ARG B 25 27.91 16.05 11.32
CA ARG B 25 28.58 16.80 10.22
C ARG B 25 27.72 17.98 9.81
N GLU B 26 26.43 17.94 10.11
CA GLU B 26 25.59 19.11 9.88
C GLU B 26 25.41 20.03 11.10
N GLY B 27 26.29 19.85 12.10
CA GLY B 27 26.40 20.76 13.23
C GLY B 27 25.53 20.43 14.42
N ALA B 28 24.98 19.22 14.45
CA ALA B 28 24.12 18.80 15.55
C ALA B 28 24.91 18.45 16.79
N LEU B 29 24.28 18.66 17.95
CA LEU B 29 24.73 18.09 19.21
C LEU B 29 24.02 16.74 19.34
N VAL B 30 24.80 15.66 19.29
CA VAL B 30 24.24 14.32 19.22
C VAL B 30 24.42 13.62 20.55
N ALA B 31 23.32 13.09 21.08
CA ALA B 31 23.34 12.13 22.18
C ALA B 31 22.89 10.80 21.59
N LEU B 32 23.75 9.79 21.66
CA LEU B 32 23.38 8.45 21.24
C LEU B 32 23.41 7.50 22.41
N CYS B 33 22.57 6.46 22.33
CA CYS B 33 22.59 5.38 23.30
C CYS B 33 22.64 4.06 22.59
N ASP B 34 23.15 3.05 23.29
CA ASP B 34 23.30 1.72 22.77
C ASP B 34 23.58 0.78 23.92
N LEU B 35 23.19 -0.48 23.76
CA LEU B 35 23.47 -1.53 24.73
C LEU B 35 24.97 -1.82 24.75
N ARG B 36 25.58 -1.82 23.56
CA ARG B 36 27.02 -2.14 23.34
C ARG B 36 27.88 -0.93 23.67
N PRO B 37 28.95 -1.08 24.50
CA PRO B 37 29.76 0.06 24.92
C PRO B 37 30.58 0.74 23.80
N GLU B 38 30.75 0.07 22.66
CA GLU B 38 31.52 0.59 21.53
C GLU B 38 31.01 1.95 21.02
N GLY B 39 29.72 2.22 21.26
CA GLY B 39 29.10 3.48 20.92
C GLY B 39 29.78 4.71 21.50
N LYS B 40 30.52 4.51 22.59
CA LYS B 40 31.38 5.54 23.19
C LYS B 40 32.40 6.10 22.19
N GLU B 41 32.99 5.20 21.39
CA GLU B 41 33.95 5.59 20.36
C GLU B 41 33.31 6.53 19.34
N VAL B 42 32.09 6.16 18.88
CA VAL B 42 31.31 6.98 17.96
C VAL B 42 31.08 8.38 18.52
N ALA B 43 30.64 8.47 19.79
CA ALA B 43 30.36 9.74 20.43
C ALA B 43 31.61 10.61 20.58
N GLU B 44 32.72 9.99 21.01
CA GLU B 44 34.00 10.67 21.12
C GLU B 44 34.48 11.16 19.77
N ALA B 45 34.41 10.28 18.76
CA ALA B 45 34.78 10.61 17.39
C ALA B 45 34.06 11.83 16.79
N ILE B 46 32.86 12.17 17.30
CA ILE B 46 32.00 13.22 16.71
C ILE B 46 31.64 14.36 17.65
N GLY B 47 32.19 14.34 18.87
CA GLY B 47 31.93 15.38 19.86
C GLY B 47 30.54 15.33 20.45
N GLY B 48 29.99 14.13 20.59
CA GLY B 48 28.66 13.92 21.16
C GLY B 48 28.72 13.16 22.49
N ALA B 49 27.55 13.00 23.13
CA ALA B 49 27.41 12.26 24.37
C ALA B 49 26.98 10.84 24.06
N PHE B 50 27.46 9.89 24.88
CA PHE B 50 27.08 8.49 24.81
C PHE B 50 26.48 8.03 26.11
N PHE B 51 25.40 7.24 26.03
CA PHE B 51 24.77 6.63 27.19
C PHE B 51 24.59 5.14 26.90
N GLN B 52 25.09 4.30 27.80
CA GLN B 52 24.87 2.87 27.70
C GLN B 52 23.48 2.60 28.28
N VAL B 53 22.56 2.13 27.42
CA VAL B 53 21.14 2.06 27.76
C VAL B 53 20.53 0.79 27.21
N ASP B 54 19.71 0.13 28.05
CA ASP B 54 18.88 -0.97 27.59
C ASP B 54 17.45 -0.48 27.38
N LEU B 55 17.09 -0.30 26.10
CA LEU B 55 15.82 0.27 25.72
C LEU B 55 14.64 -0.64 26.05
N GLU B 56 14.91 -1.89 26.41
CA GLU B 56 13.88 -2.79 26.87
C GLU B 56 13.21 -2.30 28.16
N ASP B 57 13.98 -1.57 28.98
CA ASP B 57 13.59 -1.16 30.31
C ASP B 57 13.03 0.28 30.28
N GLU B 58 11.76 0.42 30.66
CA GLU B 58 11.07 1.72 30.64
C GLU B 58 11.73 2.79 31.52
N ARG B 59 12.28 2.39 32.67
CA ARG B 59 13.03 3.31 33.58
C ARG B 59 14.29 3.83 32.85
N GLU B 60 15.01 2.94 32.17
CA GLU B 60 16.20 3.33 31.42
C GLU B 60 15.88 4.29 30.27
N ARG B 61 14.72 4.10 29.63
CA ARG B 61 14.23 4.97 28.53
C ARG B 61 14.00 6.39 29.08
N VAL B 62 13.34 6.50 30.23
CA VAL B 62 13.10 7.79 30.88
C VAL B 62 14.42 8.46 31.22
N ARG B 63 15.35 7.71 31.81
CA ARG B 63 16.66 8.23 32.27
C ARG B 63 17.44 8.75 31.04
N PHE B 64 17.37 8.03 29.92
CA PHE B 64 18.12 8.43 28.73
C PHE B 64 17.67 9.80 28.23
N VAL B 65 16.36 9.99 28.06
CA VAL B 65 15.83 11.24 27.53
C VAL B 65 16.13 12.40 28.49
N GLU B 66 15.93 12.18 29.79
CA GLU B 66 16.23 13.20 30.81
C GLU B 66 17.68 13.65 30.80
N GLU B 67 18.61 12.68 30.81
CA GLU B 67 20.03 12.96 30.86
C GLU B 67 20.58 13.49 29.55
N ALA B 68 20.08 13.00 28.42
CA ALA B 68 20.49 13.48 27.11
C ALA B 68 20.01 14.92 26.91
N ALA B 69 18.75 15.18 27.27
CA ALA B 69 18.16 16.53 27.24
C ALA B 69 19.01 17.51 28.04
N TYR B 70 19.39 17.10 29.24
CA TYR B 70 20.23 17.91 30.15
C TYR B 70 21.61 18.15 29.51
N ALA B 71 22.25 17.09 29.01
CA ALA B 71 23.55 17.20 28.36
C ALA B 71 23.52 18.14 27.17
N LEU B 72 22.49 18.02 26.30
CA LEU B 72 22.41 18.78 25.04
C LEU B 72 21.83 20.19 25.20
N GLY B 73 21.02 20.41 26.24
CA GLY B 73 20.37 21.68 26.48
C GLY B 73 19.02 21.83 25.78
N ARG B 74 18.72 20.94 24.84
CA ARG B 74 17.52 21.01 23.97
C ARG B 74 17.38 19.69 23.24
N VAL B 75 16.13 19.34 22.88
CA VAL B 75 15.84 18.23 21.99
C VAL B 75 15.04 18.69 20.79
N ASP B 76 15.61 18.50 19.59
CA ASP B 76 15.00 18.87 18.31
C ASP B 76 14.57 17.69 17.45
N VAL B 77 15.29 16.57 17.58
CA VAL B 77 15.17 15.40 16.72
C VAL B 77 15.38 14.15 17.55
N LEU B 78 14.52 13.16 17.33
CA LEU B 78 14.68 11.82 17.85
C LEU B 78 14.74 10.89 16.64
N VAL B 79 15.73 10.00 16.63
CA VAL B 79 15.79 8.92 15.66
C VAL B 79 15.74 7.61 16.44
N ASN B 80 14.67 6.86 16.20
CA ASN B 80 14.55 5.53 16.83
C ASN B 80 15.14 4.51 15.86
N ASN B 81 16.35 4.03 16.15
CA ASN B 81 17.03 3.09 15.29
C ASN B 81 17.34 1.71 15.87
N ALA B 82 17.15 1.54 17.18
CA ALA B 82 17.47 0.28 17.83
C ALA B 82 16.44 -0.77 17.44
N ALA B 83 16.90 -1.98 17.13
CA ALA B 83 16.01 -3.08 16.86
C ALA B 83 16.67 -4.42 17.15
N ILE B 84 15.85 -5.40 17.48
CA ILE B 84 16.26 -6.77 17.66
C ILE B 84 15.28 -7.66 16.92
N ALA B 85 15.66 -8.94 16.82
CA ALA B 85 14.84 -9.96 16.20
C ALA B 85 14.86 -11.21 17.09
N ALA B 86 13.86 -12.07 16.91
CA ALA B 86 13.81 -13.37 17.55
C ALA B 86 13.50 -14.33 16.39
N PRO B 87 14.50 -15.06 15.88
CA PRO B 87 14.29 -15.97 14.76
C PRO B 87 13.15 -16.96 15.06
N GLY B 88 12.37 -17.29 14.04
CA GLY B 88 11.29 -18.23 14.17
C GLY B 88 9.98 -17.72 13.62
N SER B 89 9.16 -18.68 13.20
CA SER B 89 7.78 -18.46 12.87
C SER B 89 7.03 -18.43 14.17
N ALA B 90 5.72 -18.16 14.09
CA ALA B 90 4.83 -18.24 15.25
C ALA B 90 4.88 -19.63 15.92
N LEU B 91 5.22 -20.67 15.13
CA LEU B 91 5.26 -22.02 15.64
C LEU B 91 6.45 -22.27 16.56
N THR B 92 7.56 -21.57 16.33
CA THR B 92 8.82 -21.87 17.03
C THR B 92 9.33 -20.79 17.98
N VAL B 93 8.84 -19.56 17.84
CA VAL B 93 9.29 -18.46 18.67
C VAL B 93 8.69 -18.60 20.07
N ARG B 94 9.50 -18.40 21.11
CA ARG B 94 9.05 -18.44 22.53
C ARG B 94 8.41 -17.10 22.87
N LEU B 95 7.34 -17.12 23.66
CA LEU B 95 6.60 -15.89 24.04
C LEU B 95 7.48 -14.82 24.69
N PRO B 96 8.37 -15.17 25.65
CA PRO B 96 9.26 -14.15 26.23
C PRO B 96 10.12 -13.43 25.16
N GLU B 97 10.68 -14.15 24.16
CA GLU B 97 11.47 -13.52 23.09
C GLU B 97 10.60 -12.56 22.25
N TRP B 98 9.41 -13.06 21.86
CA TRP B 98 8.43 -12.31 21.12
C TRP B 98 8.11 -10.97 21.82
N ARG B 99 7.81 -11.04 23.12
CA ARG B 99 7.45 -9.87 23.96
C ARG B 99 8.64 -8.91 24.07
N ARG B 100 9.86 -9.42 24.11
CA ARG B 100 11.07 -8.57 24.20
C ARG B 100 11.28 -7.83 22.88
N VAL B 101 11.00 -8.47 21.75
CA VAL B 101 11.12 -7.82 20.46
C VAL B 101 10.09 -6.71 20.29
N LEU B 102 8.84 -6.97 20.71
CA LEU B 102 7.79 -5.98 20.69
C LEU B 102 8.13 -4.81 21.61
N GLU B 103 8.68 -5.11 22.79
CA GLU B 103 9.04 -4.08 23.74
C GLU B 103 10.08 -3.13 23.11
N VAL B 104 11.14 -3.71 22.55
CA VAL B 104 12.26 -2.93 22.03
C VAL B 104 11.92 -2.23 20.72
N ASN B 105 11.29 -2.94 19.77
CA ASN B 105 11.05 -2.45 18.42
C ASN B 105 9.83 -1.56 18.24
N LEU B 106 8.85 -1.68 19.16
CA LEU B 106 7.56 -1.03 19.01
C LEU B 106 7.20 -0.15 20.21
N THR B 107 7.23 -0.71 21.41
CA THR B 107 6.91 0.02 22.64
C THR B 107 7.94 1.10 22.94
N ALA B 108 9.23 0.76 22.83
CA ALA B 108 10.30 1.74 23.10
C ALA B 108 10.17 2.97 22.19
N PRO B 109 10.10 2.86 20.85
CA PRO B 109 9.87 4.02 20.01
C PRO B 109 8.65 4.86 20.43
N MET B 110 7.52 4.24 20.81
CA MET B 110 6.33 4.95 21.22
C MET B 110 6.63 5.81 22.45
N HIS B 111 7.22 5.16 23.46
CA HIS B 111 7.57 5.77 24.75
C HIS B 111 8.56 6.91 24.59
N LEU B 112 9.62 6.64 23.82
CA LEU B 112 10.68 7.61 23.57
C LEU B 112 10.17 8.81 22.76
N SER B 113 9.25 8.57 21.83
CA SER B 113 8.61 9.63 21.06
C SER B 113 7.84 10.58 21.99
N ALA B 114 7.09 10.01 22.94
CA ALA B 114 6.35 10.81 23.92
C ALA B 114 7.28 11.65 24.80
N LEU B 115 8.34 11.02 25.30
CA LEU B 115 9.32 11.69 26.16
C LEU B 115 10.02 12.82 25.40
N ALA B 116 10.61 12.48 24.24
CA ALA B 116 11.24 13.45 23.35
C ALA B 116 10.31 14.61 22.97
N ALA B 117 9.03 14.30 22.74
CA ALA B 117 8.04 15.28 22.31
C ALA B 117 7.88 16.41 23.34
N ARG B 118 7.83 16.03 24.63
CA ARG B 118 7.69 16.99 25.75
C ARG B 118 8.89 17.95 25.76
N GLU B 119 10.07 17.45 25.40
CA GLU B 119 11.26 18.29 25.24
C GLU B 119 11.21 19.20 24.05
N MET B 120 10.78 18.67 22.90
CA MET B 120 10.65 19.46 21.66
C MET B 120 9.69 20.66 21.77
N ARG B 121 8.65 20.54 22.61
CA ARG B 121 7.73 21.65 22.96
C ARG B 121 8.52 22.88 23.38
N LYS B 122 9.56 22.69 24.21
CA LYS B 122 10.38 23.78 24.71
C LYS B 122 11.06 24.58 23.63
N VAL B 123 11.29 23.97 22.47
CA VAL B 123 11.91 24.68 21.33
C VAL B 123 10.97 24.88 20.14
N GLY B 124 9.66 24.66 20.34
CA GLY B 124 8.64 24.98 19.35
C GLY B 124 8.37 23.92 18.29
N GLY B 125 8.90 22.72 18.49
CA GLY B 125 8.68 21.59 17.62
C GLY B 125 9.96 20.86 17.29
N GLY B 126 9.90 19.99 16.28
CA GLY B 126 11.01 19.17 15.90
C GLY B 126 10.59 18.07 14.96
N ALA B 127 11.42 17.03 14.82
CA ALA B 127 11.12 15.90 13.94
C ALA B 127 11.51 14.57 14.56
N ILE B 128 10.69 13.54 14.32
CA ILE B 128 11.00 12.18 14.70
C ILE B 128 11.11 11.34 13.45
N VAL B 129 12.15 10.50 13.38
CA VAL B 129 12.30 9.53 12.31
C VAL B 129 12.46 8.14 12.91
N ASN B 130 11.53 7.24 12.60
CA ASN B 130 11.65 5.84 12.96
C ASN B 130 12.30 5.04 11.84
N VAL B 131 13.33 4.26 12.16
CA VAL B 131 13.92 3.33 11.22
C VAL B 131 13.13 2.02 11.35
N ALA B 132 12.22 1.79 10.40
CA ALA B 132 11.44 0.58 10.35
C ALA B 132 12.27 -0.39 9.49
N SER B 133 11.68 -0.91 8.41
CA SER B 133 12.32 -1.86 7.51
C SER B 133 11.30 -2.16 6.43
N VAL B 134 11.77 -2.67 5.29
CA VAL B 134 10.85 -3.25 4.31
C VAL B 134 10.11 -4.42 4.96
N GLN B 135 10.70 -4.98 6.02
CA GLN B 135 10.09 -6.05 6.81
C GLN B 135 8.98 -5.60 7.75
N GLY B 136 8.65 -4.30 7.74
CA GLY B 136 7.43 -3.76 8.32
C GLY B 136 6.28 -3.63 7.33
N LEU B 137 6.59 -3.71 6.03
CA LEU B 137 5.62 -3.58 4.96
C LEU B 137 5.28 -4.94 4.34
N PHE B 138 6.24 -5.87 4.40
CA PHE B 138 6.10 -7.23 3.89
C PHE B 138 6.73 -8.11 4.93
N ALA B 139 6.58 -9.43 4.78
CA ALA B 139 7.19 -10.37 5.69
C ALA B 139 8.18 -11.27 4.94
N GLU B 140 8.87 -12.11 5.70
CA GLU B 140 9.61 -13.25 5.18
C GLU B 140 9.42 -14.41 6.16
N GLN B 141 9.75 -15.61 5.70
CA GLN B 141 9.68 -16.83 6.50
C GLN B 141 10.53 -16.67 7.75
N GLU B 142 10.10 -17.28 8.86
CA GLU B 142 10.88 -17.37 10.13
C GLU B 142 11.37 -16.03 10.67
N ASN B 143 10.49 -15.04 10.76
CA ASN B 143 10.91 -13.78 11.34
C ASN B 143 9.72 -13.01 11.88
N ALA B 144 8.82 -13.72 12.57
CA ALA B 144 7.52 -13.22 12.96
C ALA B 144 7.56 -12.02 13.90
N ALA B 145 8.39 -12.12 14.96
CA ALA B 145 8.54 -11.03 15.91
C ALA B 145 8.95 -9.72 15.19
N TYR B 146 9.97 -9.81 14.35
CA TYR B 146 10.49 -8.66 13.57
C TYR B 146 9.39 -8.09 12.67
N ASN B 147 8.74 -8.96 11.89
CA ASN B 147 7.71 -8.55 10.94
C ASN B 147 6.53 -7.86 11.63
N ALA B 148 6.07 -8.45 12.73
CA ALA B 148 4.96 -7.93 13.49
C ALA B 148 5.31 -6.60 14.15
N SER B 149 6.45 -6.58 14.87
CA SER B 149 6.91 -5.37 15.56
C SER B 149 7.12 -4.21 14.59
N LYS B 150 7.81 -4.47 13.47
CA LYS B 150 8.05 -3.46 12.45
C LYS B 150 6.80 -2.98 11.73
N GLY B 151 5.85 -3.90 11.48
CA GLY B 151 4.56 -3.56 10.93
C GLY B 151 3.82 -2.60 11.84
N GLY B 152 3.92 -2.85 13.16
CA GLY B 152 3.33 -1.98 14.16
C GLY B 152 3.97 -0.59 14.19
N LEU B 153 5.29 -0.56 14.03
CA LEU B 153 6.08 0.68 14.02
C LEU B 153 5.70 1.57 12.83
N VAL B 154 5.36 0.92 11.72
CA VAL B 154 4.95 1.61 10.50
C VAL B 154 3.64 2.36 10.75
N ASN B 155 2.63 1.68 11.32
CA ASN B 155 1.38 2.34 11.60
C ASN B 155 1.48 3.28 12.80
N LEU B 156 2.36 2.98 13.74
CA LEU B 156 2.66 3.88 14.86
C LEU B 156 3.24 5.19 14.33
N THR B 157 4.09 5.09 13.31
CA THR B 157 4.63 6.27 12.65
C THR B 157 3.48 7.21 12.21
N ARG B 158 2.41 6.62 11.67
CA ARG B 158 1.21 7.36 11.19
C ARG B 158 0.48 7.98 12.37
N SER B 159 0.18 7.17 13.39
CA SER B 159 -0.42 7.62 14.66
C SER B 159 0.28 8.83 15.25
N LEU B 160 1.59 8.72 15.44
CA LEU B 160 2.40 9.81 15.97
C LEU B 160 2.34 11.07 15.08
N ALA B 161 2.33 10.88 13.75
CA ALA B 161 2.27 12.01 12.83
C ALA B 161 0.98 12.79 13.04
N LEU B 162 -0.13 12.07 13.15
CA LEU B 162 -1.41 12.72 13.36
C LEU B 162 -1.46 13.43 14.73
N ASP B 163 -1.04 12.74 15.78
CA ASP B 163 -1.12 13.25 17.14
C ASP B 163 -0.13 14.36 17.43
N LEU B 164 1.06 14.32 16.82
CA LEU B 164 2.12 15.29 17.10
C LEU B 164 2.17 16.48 16.16
N ALA B 165 1.31 16.46 15.12
CA ALA B 165 1.19 17.58 14.19
C ALA B 165 0.90 18.88 14.93
N PRO B 166 -0.11 18.92 15.84
CA PRO B 166 -0.41 20.15 16.58
C PRO B 166 0.78 20.68 17.41
N LEU B 167 1.76 19.84 17.75
CA LEU B 167 2.95 20.28 18.48
C LEU B 167 4.06 20.75 17.55
N ARG B 168 3.77 20.79 16.25
CA ARG B 168 4.73 21.15 15.17
C ARG B 168 5.88 20.13 15.17
N ILE B 169 5.56 18.85 15.37
CA ILE B 169 6.54 17.77 15.26
C ILE B 169 6.12 16.85 14.10
N ARG B 170 6.97 16.75 13.08
CA ARG B 170 6.79 15.80 11.94
C ARG B 170 7.33 14.43 12.36
N VAL B 171 6.66 13.35 11.92
CA VAL B 171 7.09 12.00 12.23
C VAL B 171 7.02 11.20 10.95
N ASN B 172 8.17 10.63 10.55
CA ASN B 172 8.27 9.78 9.37
C ASN B 172 9.07 8.53 9.70
N ALA B 173 9.04 7.56 8.79
CA ALA B 173 9.85 6.36 8.86
C ALA B 173 10.64 6.16 7.58
N VAL B 174 11.81 5.52 7.72
CA VAL B 174 12.54 4.99 6.59
C VAL B 174 12.43 3.47 6.70
N ALA B 175 12.33 2.81 5.55
CA ALA B 175 12.15 1.37 5.49
C ALA B 175 13.32 0.76 4.71
N PRO B 176 14.49 0.51 5.34
CA PRO B 176 15.65 0.02 4.61
C PRO B 176 15.51 -1.41 4.06
N GLY B 177 16.17 -1.68 2.93
CA GLY B 177 16.37 -3.05 2.44
C GLY B 177 17.54 -3.67 3.20
N ALA B 178 18.22 -4.59 2.55
CA ALA B 178 19.44 -5.20 3.06
C ALA B 178 20.61 -4.21 3.00
N ILE B 179 21.11 -3.86 4.19
CA ILE B 179 22.16 -2.91 4.42
C ILE B 179 23.42 -3.64 4.89
N ALA B 180 24.57 -3.23 4.35
CA ALA B 180 25.85 -3.78 4.70
C ALA B 180 26.31 -3.29 6.09
N THR B 181 25.59 -3.76 7.12
CA THR B 181 26.03 -3.68 8.50
C THR B 181 27.06 -4.77 8.76
N GLU B 182 27.82 -4.63 9.87
CA GLU B 182 28.83 -5.64 10.27
C GLU B 182 28.15 -6.99 10.57
N ALA B 183 26.91 -6.99 11.07
CA ALA B 183 26.15 -8.22 11.28
C ALA B 183 25.89 -8.91 9.94
N VAL B 184 25.41 -8.13 8.95
CA VAL B 184 25.11 -8.64 7.62
C VAL B 184 26.38 -9.14 6.89
N LEU B 185 27.46 -8.34 6.94
CA LEU B 185 28.72 -8.71 6.33
C LEU B 185 29.30 -9.99 6.92
N GLU B 186 29.18 -10.15 8.23
CA GLU B 186 29.65 -11.35 8.91
C GLU B 186 28.86 -12.62 8.53
N ALA B 187 27.53 -12.51 8.48
CA ALA B 187 26.69 -13.62 8.04
C ALA B 187 27.11 -14.14 6.66
N ILE B 188 27.39 -13.19 5.75
CA ILE B 188 27.88 -13.49 4.43
C ILE B 188 29.22 -14.23 4.55
N ALA B 189 30.12 -13.68 5.34
CA ALA B 189 31.48 -14.20 5.49
C ALA B 189 31.50 -15.62 6.06
N LEU B 190 30.53 -15.92 6.93
CA LEU B 190 30.42 -17.22 7.59
C LEU B 190 29.53 -18.20 6.87
N SER B 191 28.98 -17.81 5.73
CA SER B 191 28.11 -18.71 4.98
C SER B 191 28.95 -19.69 4.16
N PRO B 192 28.42 -20.90 3.85
CA PRO B 192 29.16 -21.88 3.05
C PRO B 192 29.70 -21.31 1.72
N ASP B 193 28.96 -20.40 1.09
CA ASP B 193 29.33 -19.75 -0.17
C ASP B 193 29.09 -18.25 -0.05
N PRO B 194 30.05 -17.50 0.54
CA PRO B 194 29.90 -16.05 0.72
C PRO B 194 29.52 -15.29 -0.56
N GLU B 195 30.14 -15.60 -1.70
CA GLU B 195 29.88 -14.93 -2.99
C GLU B 195 28.43 -15.17 -3.44
N ARG B 196 27.87 -16.36 -3.21
CA ARG B 196 26.45 -16.68 -3.52
C ARG B 196 25.52 -15.92 -2.55
N THR B 197 25.82 -15.94 -1.25
CA THR B 197 24.95 -15.29 -0.28
C THR B 197 24.84 -13.80 -0.56
N ARG B 198 26.00 -13.20 -0.83
CA ARG B 198 26.12 -11.76 -1.18
C ARG B 198 25.29 -11.49 -2.43
N ARG B 199 25.49 -12.27 -3.49
CA ARG B 199 24.79 -12.10 -4.79
C ARG B 199 23.28 -12.23 -4.57
N ASP B 200 22.82 -13.18 -3.76
CA ASP B 200 21.40 -13.34 -3.48
C ASP B 200 20.75 -12.12 -2.81
N TRP B 201 21.44 -11.58 -1.80
CA TRP B 201 20.96 -10.44 -1.04
C TRP B 201 21.11 -9.12 -1.82
N GLU B 202 22.17 -8.99 -2.62
CA GLU B 202 22.34 -7.87 -3.53
C GLU B 202 21.17 -7.81 -4.48
N ASP B 203 20.79 -8.99 -5.00
CA ASP B 203 19.76 -9.13 -6.02
C ASP B 203 18.34 -9.03 -5.50
N LEU B 204 18.21 -8.70 -4.22
CA LEU B 204 16.87 -8.40 -3.65
C LEU B 204 16.54 -6.97 -4.09
N HIS B 205 17.52 -6.22 -4.57
CA HIS B 205 17.36 -4.86 -5.00
C HIS B 205 17.58 -4.72 -6.49
N ALA B 206 16.84 -3.80 -7.10
CA ALA B 206 17.02 -3.45 -8.52
C ALA B 206 18.45 -2.96 -8.82
N LEU B 207 19.07 -2.27 -7.86
CA LEU B 207 20.42 -1.75 -8.01
C LEU B 207 21.48 -2.83 -7.84
N ARG B 208 21.04 -4.03 -7.44
CA ARG B 208 21.88 -5.25 -7.38
C ARG B 208 23.15 -4.97 -6.57
N ARG B 209 22.98 -4.38 -5.37
CA ARG B 209 24.05 -4.21 -4.37
C ARG B 209 23.39 -4.05 -2.99
N LEU B 210 24.15 -4.25 -1.90
CA LEU B 210 23.65 -3.97 -0.56
C LEU B 210 23.65 -2.46 -0.42
N GLY B 211 22.76 -1.95 0.42
CA GLY B 211 22.78 -0.55 0.81
C GLY B 211 23.89 -0.33 1.81
N LYS B 212 24.38 0.91 1.90
CA LYS B 212 25.35 1.29 2.93
C LYS B 212 24.61 2.00 4.07
N PRO B 213 25.06 1.86 5.33
CA PRO B 213 24.46 2.59 6.45
C PRO B 213 24.38 4.11 6.18
N GLU B 214 25.39 4.67 5.51
CA GLU B 214 25.43 6.09 5.18
C GLU B 214 24.23 6.51 4.32
N GLU B 215 23.80 5.59 3.44
CA GLU B 215 22.66 5.82 2.58
C GLU B 215 21.36 5.90 3.40
N VAL B 216 21.20 5.01 4.38
CA VAL B 216 20.08 5.13 5.32
C VAL B 216 20.15 6.48 6.09
N ALA B 217 21.36 6.83 6.55
CA ALA B 217 21.59 8.05 7.31
C ALA B 217 21.11 9.31 6.56
N GLU B 218 21.36 9.36 5.26
CA GLU B 218 20.99 10.52 4.43
C GLU B 218 19.48 10.66 4.33
N ALA B 219 18.79 9.53 4.24
CA ALA B 219 17.34 9.52 4.20
C ALA B 219 16.79 10.04 5.53
N VAL B 220 17.35 9.56 6.64
CA VAL B 220 16.96 9.98 7.99
C VAL B 220 17.20 11.48 8.15
N LEU B 221 18.39 11.93 7.74
CA LEU B 221 18.79 13.31 7.79
C LEU B 221 17.81 14.23 7.04
N PHE B 222 17.47 13.85 5.81
CA PHE B 222 16.55 14.62 4.99
C PHE B 222 15.19 14.78 5.67
N LEU B 223 14.60 13.65 6.10
CA LEU B 223 13.29 13.61 6.76
C LEU B 223 13.21 14.38 8.07
N ALA B 224 14.36 14.48 8.75
CA ALA B 224 14.48 15.25 9.99
C ALA B 224 14.67 16.77 9.77
N SER B 225 14.99 17.17 8.53
CA SER B 225 15.36 18.57 8.22
C SER B 225 14.18 19.38 7.73
N GLU B 226 14.36 20.70 7.70
CA GLU B 226 13.31 21.60 7.21
C GLU B 226 13.07 21.46 5.72
N LYS B 227 14.02 20.87 5.00
CA LYS B 227 13.81 20.53 3.59
C LYS B 227 12.59 19.62 3.41
N ALA B 228 12.21 18.88 4.46
CA ALA B 228 11.06 17.97 4.47
C ALA B 228 9.86 18.52 5.27
N SER B 229 9.72 19.85 5.30
CA SER B 229 8.73 20.54 6.12
C SER B 229 7.24 20.20 5.87
N PHE B 230 6.90 19.71 4.66
CA PHE B 230 5.54 19.26 4.35
C PHE B 230 5.46 17.74 4.25
N ILE B 231 6.40 17.03 4.89
CA ILE B 231 6.40 15.60 4.88
C ILE B 231 6.25 15.09 6.29
N THR B 232 5.09 14.51 6.58
CA THR B 232 4.85 13.84 7.85
C THR B 232 3.96 12.63 7.60
N GLY B 233 4.18 11.57 8.39
CA GLY B 233 3.41 10.33 8.25
C GLY B 233 3.85 9.42 7.13
N ALA B 234 4.90 9.83 6.40
CA ALA B 234 5.39 9.06 5.26
C ALA B 234 6.35 7.92 5.68
N ILE B 235 6.31 6.86 4.89
CA ILE B 235 7.18 5.71 5.02
C ILE B 235 8.00 5.65 3.75
N LEU B 236 9.30 5.96 3.85
CA LEU B 236 10.17 6.04 2.69
C LEU B 236 11.03 4.78 2.58
N PRO B 237 10.82 3.89 1.58
CA PRO B 237 11.74 2.79 1.34
C PRO B 237 13.15 3.31 1.01
N VAL B 238 14.17 2.70 1.59
CA VAL B 238 15.55 2.94 1.18
C VAL B 238 16.08 1.57 0.87
N ASP B 239 15.67 1.05 -0.30
CA ASP B 239 15.77 -0.36 -0.60
C ASP B 239 16.20 -0.68 -2.03
N GLY B 240 16.87 0.27 -2.69
CA GLY B 240 17.30 0.12 -4.06
C GLY B 240 16.36 -0.62 -5.02
N GLY B 241 15.05 -0.38 -4.85
CA GLY B 241 14.03 -0.91 -5.74
C GLY B 241 13.38 -2.23 -5.36
N MET B 242 13.73 -2.79 -4.20
CA MET B 242 13.24 -4.12 -3.76
C MET B 242 11.71 -4.20 -3.74
N THR B 243 11.05 -3.21 -3.16
CA THR B 243 9.60 -3.24 -3.01
C THR B 243 8.87 -2.72 -4.22
N ALA B 244 9.60 -2.35 -5.29
CA ALA B 244 9.02 -1.98 -6.56
C ALA B 244 8.61 -3.19 -7.42
N SER B 245 9.16 -4.38 -7.10
CA SER B 245 8.83 -5.65 -7.77
C SER B 245 8.03 -6.58 -6.84
N PHE B 246 7.19 -7.43 -7.45
CA PHE B 246 6.45 -8.48 -6.75
C PHE B 246 7.26 -9.77 -6.59
N MET B 247 8.50 -9.77 -7.07
CA MET B 247 9.45 -10.86 -6.91
C MET B 247 10.80 -10.21 -6.59
N MET B 248 11.91 -10.94 -6.74
CA MET B 248 13.23 -10.36 -6.61
C MET B 248 13.47 -9.26 -7.62
N ALA B 249 13.64 -8.04 -7.11
CA ALA B 249 13.75 -6.85 -7.92
C ALA B 249 15.00 -6.89 -8.77
N GLY B 250 16.06 -7.53 -8.25
CA GLY B 250 17.34 -7.62 -8.92
C GLY B 250 17.59 -8.93 -9.64
N ARG B 251 16.60 -9.82 -9.59
CA ARG B 251 16.70 -11.16 -10.23
C ARG B 251 15.31 -11.54 -10.71
N PRO B 252 14.83 -10.96 -11.84
CA PRO B 252 13.52 -11.29 -12.40
C PRO B 252 13.28 -12.76 -12.81
N VAL B 253 12.03 -13.21 -12.77
CA VAL B 253 11.61 -14.61 -13.09
C VAL B 253 12.68 -15.62 -12.65
N MET C 1 -25.74 -27.22 7.44
CA MET C 1 -24.83 -28.07 6.60
C MET C 1 -24.43 -27.25 5.36
N GLY C 2 -23.31 -27.55 4.69
CA GLY C 2 -22.89 -26.86 3.46
C GLY C 2 -21.40 -26.64 3.31
N LEU C 3 -20.96 -25.39 3.26
CA LEU C 3 -19.54 -25.05 2.97
C LEU C 3 -18.61 -25.39 4.13
N PHE C 4 -19.12 -25.44 5.35
CA PHE C 4 -18.26 -25.85 6.46
C PHE C 4 -18.86 -27.02 7.24
N ALA C 5 -19.59 -27.85 6.52
CA ALA C 5 -20.30 -28.97 7.16
C ALA C 5 -19.33 -29.91 7.86
N GLY C 6 -19.53 -30.09 9.15
CA GLY C 6 -18.70 -30.98 9.94
C GLY C 6 -17.40 -30.38 10.45
N LYS C 7 -17.03 -29.22 9.91
CA LYS C 7 -15.75 -28.58 10.20
C LYS C 7 -15.78 -27.90 11.56
N GLY C 8 -14.62 -27.85 12.22
CA GLY C 8 -14.45 -27.24 13.52
C GLY C 8 -13.92 -25.83 13.36
N VAL C 9 -14.65 -24.85 13.91
CA VAL C 9 -14.31 -23.45 13.76
C VAL C 9 -14.21 -22.81 15.12
N LEU C 10 -13.07 -22.15 15.38
CA LEU C 10 -12.83 -21.34 16.58
C LEU C 10 -12.97 -19.87 16.25
N VAL C 11 -13.74 -19.15 17.07
CA VAL C 11 -13.96 -17.71 16.94
C VAL C 11 -13.67 -17.05 18.28
N THR C 12 -12.64 -16.20 18.27
CA THR C 12 -12.30 -15.40 19.47
C THR C 12 -13.16 -14.14 19.36
N GLY C 13 -13.71 -13.67 20.48
CA GLY C 13 -14.63 -12.53 20.40
C GLY C 13 -15.88 -12.88 19.63
N GLY C 14 -16.55 -13.96 20.00
CA GLY C 14 -17.74 -14.41 19.27
C GLY C 14 -19.03 -13.92 19.89
N GLY C 15 -18.95 -13.06 20.90
CA GLY C 15 -20.12 -12.56 21.64
C GLY C 15 -21.07 -11.75 20.78
N ILE C 16 -20.55 -11.01 19.82
CA ILE C 16 -21.44 -10.29 18.86
C ILE C 16 -22.31 -11.35 18.20
N GLY C 17 -21.69 -12.39 17.64
CA GLY C 17 -22.47 -13.53 17.13
C GLY C 17 -22.54 -13.62 15.63
N ALA C 18 -22.32 -12.51 14.94
CA ALA C 18 -22.51 -12.53 13.50
C ALA C 18 -21.63 -13.60 12.80
N ILE C 19 -20.34 -13.60 13.15
CA ILE C 19 -19.37 -14.53 12.58
C ILE C 19 -19.69 -15.98 12.91
N ALA C 20 -19.89 -16.25 14.20
CA ALA C 20 -20.34 -17.56 14.70
C ALA C 20 -21.59 -18.05 14.00
N GLN C 21 -22.61 -17.18 13.93
CA GLN C 21 -23.87 -17.54 13.28
C GLN C 21 -23.63 -17.94 11.81
N ALA C 22 -22.80 -17.17 11.12
CA ALA C 22 -22.51 -17.38 9.71
C ALA C 22 -21.87 -18.74 9.42
N PHE C 23 -20.91 -19.14 10.25
CA PHE C 23 -20.28 -20.45 10.13
C PHE C 23 -21.27 -21.58 10.49
N ALA C 24 -22.01 -21.39 11.57
CA ALA C 24 -23.03 -22.33 12.02
C ALA C 24 -24.07 -22.57 10.93
N ARG C 25 -24.52 -21.49 10.28
CA ARG C 25 -25.51 -21.52 9.16
C ARG C 25 -24.97 -22.41 8.04
N GLU C 26 -23.64 -22.50 7.87
CA GLU C 26 -23.03 -23.36 6.84
C GLU C 26 -22.56 -24.72 7.38
N GLY C 27 -23.07 -25.10 8.55
CA GLY C 27 -22.90 -26.44 9.08
C GLY C 27 -21.69 -26.66 9.95
N ALA C 28 -21.03 -25.58 10.38
CA ALA C 28 -19.82 -25.68 11.18
C ALA C 28 -20.16 -26.03 12.63
N LEU C 29 -19.22 -26.73 13.28
CA LEU C 29 -19.19 -26.86 14.72
C LEU C 29 -18.35 -25.69 15.24
N VAL C 30 -19.01 -24.77 15.96
CA VAL C 30 -18.39 -23.53 16.37
C VAL C 30 -18.09 -23.57 17.85
N ALA C 31 -16.83 -23.30 18.21
CA ALA C 31 -16.44 -23.00 19.56
C ALA C 31 -16.06 -21.52 19.59
N LEU C 32 -16.78 -20.73 20.39
CA LEU C 32 -16.45 -19.33 20.57
C LEU C 32 -16.04 -19.07 22.00
N CYS C 33 -15.19 -18.05 22.17
CA CYS C 33 -14.83 -17.58 23.49
C CYS C 33 -15.00 -16.09 23.55
N ASP C 34 -15.20 -15.60 24.78
CA ASP C 34 -15.37 -14.19 25.03
C ASP C 34 -15.20 -13.94 26.52
N LEU C 35 -14.77 -12.72 26.86
CA LEU C 35 -14.65 -12.29 28.24
C LEU C 35 -16.04 -12.14 28.85
N ARG C 36 -16.99 -11.63 28.05
CA ARG C 36 -18.39 -11.34 28.46
C ARG C 36 -19.20 -12.63 28.44
N PRO C 37 -19.96 -12.96 29.51
CA PRO C 37 -20.71 -14.21 29.58
C PRO C 37 -21.87 -14.34 28.59
N GLU C 38 -22.33 -13.22 28.00
CA GLU C 38 -23.45 -13.21 27.05
C GLU C 38 -23.23 -14.12 25.85
N GLY C 39 -21.95 -14.36 25.51
CA GLY C 39 -21.56 -15.26 24.45
C GLY C 39 -22.13 -16.66 24.55
N LYS C 40 -22.49 -17.07 25.78
CA LYS C 40 -23.19 -18.33 26.03
C LYS C 40 -24.52 -18.42 25.25
N GLU C 41 -25.25 -17.30 25.20
CA GLU C 41 -26.50 -17.22 24.46
C GLU C 41 -26.29 -17.48 22.98
N VAL C 42 -25.25 -16.85 22.41
CA VAL C 42 -24.85 -17.07 21.02
C VAL C 42 -24.56 -18.55 20.75
N ALA C 43 -23.78 -19.19 21.62
CA ALA C 43 -23.43 -20.61 21.46
C ALA C 43 -24.65 -21.52 21.55
N GLU C 44 -25.51 -21.26 22.53
CA GLU C 44 -26.76 -22.00 22.71
C GLU C 44 -27.67 -21.80 21.50
N ALA C 45 -27.82 -20.56 21.06
CA ALA C 45 -28.61 -20.20 19.89
C ALA C 45 -28.19 -20.91 18.58
N ILE C 46 -26.93 -21.38 18.50
CA ILE C 46 -26.39 -21.97 17.25
C ILE C 46 -25.89 -23.40 17.36
N GLY C 47 -26.04 -24.00 18.54
CA GLY C 47 -25.61 -25.37 18.78
C GLY C 47 -24.10 -25.52 18.87
N GLY C 48 -23.43 -24.49 19.39
CA GLY C 48 -21.97 -24.48 19.54
C GLY C 48 -21.53 -24.46 20.99
N ALA C 49 -20.21 -24.53 21.21
CA ALA C 49 -19.62 -24.48 22.54
C ALA C 49 -19.20 -23.05 22.86
N PHE C 50 -19.33 -22.68 24.14
CA PHE C 50 -18.86 -21.38 24.64
C PHE C 50 -17.84 -21.54 25.74
N PHE C 51 -16.80 -20.72 25.72
CA PHE C 51 -15.79 -20.68 26.75
C PHE C 51 -15.59 -19.23 27.19
N GLN C 52 -15.73 -18.96 28.49
CA GLN C 52 -15.43 -17.64 29.03
C GLN C 52 -13.92 -17.58 29.21
N VAL C 53 -13.25 -16.69 28.48
CA VAL C 53 -11.80 -16.69 28.37
C VAL C 53 -11.26 -15.28 28.34
N ASP C 54 -10.17 -15.05 29.07
CA ASP C 54 -9.42 -13.81 28.96
C ASP C 54 -8.18 -14.04 28.11
N LEU C 55 -8.24 -13.57 26.86
CA LEU C 55 -7.20 -13.80 25.87
C LEU C 55 -5.90 -13.07 26.20
N GLU C 56 -5.94 -12.17 27.19
CA GLU C 56 -4.74 -11.52 27.67
C GLU C 56 -3.76 -12.52 28.28
N ASP C 57 -4.30 -13.61 28.85
CA ASP C 57 -3.53 -14.58 29.62
C ASP C 57 -3.12 -15.77 28.74
N GLU C 58 -1.81 -16.00 28.61
CA GLU C 58 -1.27 -17.06 27.76
C GLU C 58 -1.72 -18.47 28.15
N ARG C 59 -1.88 -18.72 29.45
CA ARG C 59 -2.40 -20.02 29.98
C ARG C 59 -3.86 -20.20 29.50
N GLU C 60 -4.67 -19.15 29.59
CA GLU C 60 -6.05 -19.20 29.14
C GLU C 60 -6.17 -19.43 27.64
N ARG C 61 -5.24 -18.89 26.86
CA ARG C 61 -5.20 -19.07 25.38
C ARG C 61 -4.95 -20.56 25.07
N VAL C 62 -3.98 -21.17 25.75
CA VAL C 62 -3.69 -22.60 25.60
C VAL C 62 -4.92 -23.43 25.95
N ARG C 63 -5.55 -23.11 27.08
CA ARG C 63 -6.73 -23.86 27.61
C ARG C 63 -7.88 -23.76 26.59
N PHE C 64 -8.07 -22.60 25.98
CA PHE C 64 -9.18 -22.41 25.05
C PHE C 64 -9.03 -23.34 23.83
N VAL C 65 -7.85 -23.32 23.20
CA VAL C 65 -7.62 -24.15 22.01
C VAL C 65 -7.74 -25.64 22.33
N GLU C 66 -7.14 -26.06 23.44
CA GLU C 66 -7.19 -27.45 23.88
C GLU C 66 -8.60 -27.94 24.13
N GLU C 67 -9.38 -27.17 24.88
CA GLU C 67 -10.75 -27.52 25.25
C GLU C 67 -11.73 -27.41 24.08
N ALA C 68 -11.54 -26.40 23.22
CA ALA C 68 -12.37 -26.25 22.04
C ALA C 68 -12.10 -27.38 21.05
N ALA C 69 -10.82 -27.70 20.84
CA ALA C 69 -10.38 -28.84 20.01
C ALA C 69 -11.04 -30.13 20.48
N TYR C 70 -11.00 -30.37 21.78
CA TYR C 70 -11.60 -31.56 22.44
C TYR C 70 -13.12 -31.54 22.21
N ALA C 71 -13.77 -30.41 22.45
CA ALA C 71 -15.21 -30.30 22.29
C ALA C 71 -15.64 -30.57 20.86
N LEU C 72 -14.92 -30.01 19.89
CA LEU C 72 -15.29 -30.10 18.46
C LEU C 72 -14.82 -31.37 17.76
N GLY C 73 -13.77 -31.99 18.28
CA GLY C 73 -13.16 -33.17 17.69
C GLY C 73 -12.10 -32.86 16.63
N ARG C 74 -12.00 -31.60 16.20
CA ARG C 74 -11.12 -31.16 15.10
C ARG C 74 -11.09 -29.64 15.05
N VAL C 75 -10.00 -29.07 14.51
CA VAL C 75 -9.89 -27.66 14.22
C VAL C 75 -9.54 -27.44 12.74
N ASP C 76 -10.43 -26.75 12.03
CA ASP C 76 -10.27 -26.41 10.61
C ASP C 76 -9.99 -24.93 10.35
N VAL C 77 -10.55 -24.08 11.21
CA VAL C 77 -10.59 -22.64 11.03
C VAL C 77 -10.46 -21.96 12.39
N LEU C 78 -9.62 -20.92 12.42
CA LEU C 78 -9.49 -20.01 13.54
C LEU C 78 -9.83 -18.64 13.00
N VAL C 79 -10.70 -17.92 13.71
CA VAL C 79 -10.96 -16.51 13.45
C VAL C 79 -10.57 -15.74 14.70
N ASN C 80 -9.53 -14.90 14.57
CA ASN C 80 -9.12 -14.00 15.64
C ASN C 80 -9.89 -12.70 15.51
N ASN C 81 -10.91 -12.53 16.37
CA ASN C 81 -11.75 -11.35 16.31
C ASN C 81 -11.75 -10.46 17.55
N ALA C 82 -11.17 -10.94 18.66
CA ALA C 82 -11.16 -10.18 19.91
C ALA C 82 -10.18 -9.01 19.77
N ALA C 83 -10.60 -7.84 20.22
CA ALA C 83 -9.74 -6.68 20.26
C ALA C 83 -10.17 -5.72 21.35
N ILE C 84 -9.20 -4.93 21.83
CA ILE C 84 -9.45 -3.85 22.75
C ILE C 84 -8.68 -2.63 22.27
N ALA C 85 -8.96 -1.50 22.93
CA ALA C 85 -8.30 -0.24 22.65
C ALA C 85 -7.96 0.43 23.98
N ALA C 86 -6.99 1.36 23.95
CA ALA C 86 -6.65 2.21 25.07
C ALA C 86 -6.62 3.61 24.49
N PRO C 87 -7.67 4.42 24.69
CA PRO C 87 -7.75 5.75 24.10
C PRO C 87 -6.52 6.59 24.50
N GLY C 88 -6.04 7.41 23.58
CA GLY C 88 -4.92 8.30 23.80
C GLY C 88 -3.88 8.19 22.72
N SER C 89 -3.14 9.29 22.58
CA SER C 89 -1.96 9.34 21.76
C SER C 89 -0.84 8.73 22.61
N ALA C 90 0.36 8.64 22.02
CA ALA C 90 1.54 8.21 22.73
C ALA C 90 1.83 9.10 23.95
N LEU C 91 1.36 10.36 23.91
CA LEU C 91 1.59 11.30 24.98
C LEU C 91 0.78 11.00 26.23
N THR C 92 -0.42 10.41 26.06
CA THR C 92 -1.36 10.23 27.18
C THR C 92 -1.62 8.80 27.59
N VAL C 93 -1.29 7.82 26.73
CA VAL C 93 -1.56 6.41 27.02
C VAL C 93 -0.58 5.93 28.09
N ARG C 94 -1.08 5.18 29.07
CA ARG C 94 -0.24 4.60 30.16
C ARG C 94 0.36 3.30 29.62
N LEU C 95 1.64 3.02 29.94
CA LEU C 95 2.35 1.85 29.41
C LEU C 95 1.63 0.53 29.71
N PRO C 96 1.11 0.28 30.94
CA PRO C 96 0.35 -0.93 31.21
C PRO C 96 -0.83 -1.14 30.24
N GLU C 97 -1.61 -0.10 29.92
CA GLU C 97 -2.79 -0.20 29.01
C GLU C 97 -2.30 -0.45 27.58
N TRP C 98 -1.22 0.19 27.14
CA TRP C 98 -0.56 -0.03 25.86
C TRP C 98 -0.15 -1.49 25.71
N ARG C 99 0.55 -2.04 26.72
CA ARG C 99 1.06 -3.43 26.72
C ARG C 99 -0.12 -4.41 26.73
N ARG C 100 -1.22 -4.06 27.40
CA ARG C 100 -2.45 -4.91 27.46
C ARG C 100 -3.04 -5.00 26.04
N VAL C 101 -3.10 -3.88 25.33
CA VAL C 101 -3.65 -3.83 23.98
C VAL C 101 -2.80 -4.65 23.00
N LEU C 102 -1.47 -4.50 23.09
CA LEU C 102 -0.55 -5.31 22.29
C LEU C 102 -0.68 -6.78 22.58
N GLU C 103 -0.84 -7.13 23.86
CA GLU C 103 -0.98 -8.51 24.26
C GLU C 103 -2.22 -9.10 23.61
N VAL C 104 -3.36 -8.42 23.75
CA VAL C 104 -4.64 -8.93 23.28
C VAL C 104 -4.78 -8.90 21.76
N ASN C 105 -4.39 -7.79 21.13
CA ASN C 105 -4.62 -7.54 19.70
C ASN C 105 -3.59 -8.13 18.77
N LEU C 106 -2.38 -8.39 19.29
CA LEU C 106 -1.23 -8.78 18.46
C LEU C 106 -0.61 -10.11 18.91
N THR C 107 -0.23 -10.18 20.18
CA THR C 107 0.44 -11.38 20.76
C THR C 107 -0.53 -12.56 20.84
N ALA C 108 -1.76 -12.32 21.29
CA ALA C 108 -2.79 -13.37 21.35
C ALA C 108 -3.08 -13.98 19.97
N PRO C 109 -3.40 -13.21 18.90
CA PRO C 109 -3.56 -13.80 17.57
C PRO C 109 -2.36 -14.65 17.10
N MET C 110 -1.13 -14.24 17.39
CA MET C 110 0.07 -14.97 17.03
C MET C 110 0.07 -16.34 17.72
N HIS C 111 -0.11 -16.30 19.04
CA HIS C 111 -0.10 -17.47 19.91
C HIS C 111 -1.20 -18.47 19.55
N LEU C 112 -2.42 -17.95 19.37
CA LEU C 112 -3.60 -18.77 19.01
C LEU C 112 -3.42 -19.38 17.63
N SER C 113 -2.84 -18.64 16.70
CA SER C 113 -2.56 -19.16 15.37
C SER C 113 -1.63 -20.38 15.44
N ALA C 114 -0.57 -20.27 16.26
CA ALA C 114 0.36 -21.38 16.45
C ALA C 114 -0.33 -22.60 17.06
N LEU C 115 -1.12 -22.38 18.11
CA LEU C 115 -1.84 -23.47 18.78
C LEU C 115 -2.83 -24.15 17.84
N ALA C 116 -3.71 -23.35 17.23
CA ALA C 116 -4.68 -23.82 16.24
C ALA C 116 -4.00 -24.56 15.08
N ALA C 117 -2.83 -24.06 14.64
CA ALA C 117 -2.11 -24.65 13.53
C ALA C 117 -1.71 -26.10 13.78
N ARG C 118 -1.24 -26.39 15.00
CA ARG C 118 -0.82 -27.76 15.42
C ARG C 118 -2.03 -28.70 15.32
N GLU C 119 -3.23 -28.20 15.65
CA GLU C 119 -4.48 -28.94 15.50
C GLU C 119 -4.88 -29.16 14.03
N MET C 120 -4.78 -28.10 13.21
CA MET C 120 -5.13 -28.18 11.79
C MET C 120 -4.27 -29.20 11.00
N ARG C 121 -3.01 -29.40 11.41
CA ARG C 121 -2.10 -30.42 10.83
C ARG C 121 -2.78 -31.79 10.86
N LYS C 122 -3.45 -32.11 11.97
CA LYS C 122 -4.13 -33.39 12.15
C LYS C 122 -5.19 -33.65 11.10
N VAL C 123 -5.76 -32.60 10.52
CA VAL C 123 -6.77 -32.75 9.47
C VAL C 123 -6.30 -32.29 8.07
N GLY C 124 -4.99 -32.07 7.91
CA GLY C 124 -4.38 -31.79 6.63
C GLY C 124 -4.35 -30.35 6.18
N GLY C 125 -4.70 -29.42 7.08
CA GLY C 125 -4.66 -27.99 6.80
C GLY C 125 -5.91 -27.29 7.29
N GLY C 126 -6.08 -26.05 6.87
CA GLY C 126 -7.15 -25.20 7.36
C GLY C 126 -6.94 -23.77 6.95
N ALA C 127 -7.69 -22.86 7.58
CA ALA C 127 -7.60 -21.42 7.28
C ALA C 127 -7.68 -20.58 8.55
N ILE C 128 -6.88 -19.50 8.59
CA ILE C 128 -6.95 -18.53 9.65
C ILE C 128 -7.37 -17.20 9.04
N VAL C 129 -8.31 -16.53 9.70
CA VAL C 129 -8.71 -15.19 9.32
C VAL C 129 -8.56 -14.26 10.54
N ASN C 130 -7.72 -13.25 10.38
CA ASN C 130 -7.56 -12.23 11.44
C ASN C 130 -8.43 -11.02 11.11
N VAL C 131 -9.27 -10.58 12.04
CA VAL C 131 -10.05 -9.37 11.88
C VAL C 131 -9.15 -8.24 12.37
N ALA C 132 -8.56 -7.51 11.42
CA ALA C 132 -7.74 -6.36 11.71
C ALA C 132 -8.72 -5.17 11.73
N SER C 133 -8.45 -4.16 10.91
CA SER C 133 -9.28 -2.97 10.82
C SER C 133 -8.60 -2.10 9.77
N VAL C 134 -9.36 -1.14 9.22
CA VAL C 134 -8.73 -0.10 8.41
C VAL C 134 -7.72 0.66 9.28
N GLN C 135 -7.90 0.59 10.61
CA GLN C 135 -6.98 1.20 11.57
C GLN C 135 -5.67 0.44 11.79
N GLY C 136 -5.49 -0.67 11.06
CA GLY C 136 -4.20 -1.34 10.91
C GLY C 136 -3.43 -0.89 9.67
N LEU C 137 -4.12 -0.22 8.74
CA LEU C 137 -3.53 0.26 7.49
C LEU C 137 -3.29 1.76 7.52
N PHE C 138 -4.10 2.48 8.30
CA PHE C 138 -4.01 3.92 8.50
C PHE C 138 -4.19 4.14 9.98
N ALA C 139 -3.97 5.36 10.43
CA ALA C 139 -4.18 5.72 11.83
C ALA C 139 -5.27 6.79 11.93
N GLU C 140 -5.62 7.12 13.18
CA GLU C 140 -6.40 8.30 13.51
C GLU C 140 -5.81 8.87 14.80
N GLN C 141 -6.20 10.11 15.10
CA GLN C 141 -5.79 10.81 16.31
C GLN C 141 -6.21 10.01 17.52
N GLU C 142 -5.33 9.95 18.52
CA GLU C 142 -5.65 9.45 19.87
C GLU C 142 -6.11 8.01 19.97
N ASN C 143 -5.43 7.13 19.24
CA ASN C 143 -5.76 5.72 19.25
C ASN C 143 -4.52 4.87 18.97
N ALA C 144 -3.40 5.23 19.61
CA ALA C 144 -2.08 4.74 19.28
C ALA C 144 -1.92 3.23 19.50
N ALA C 145 -2.38 2.75 20.66
CA ALA C 145 -2.31 1.33 20.97
C ALA C 145 -3.01 0.50 19.88
N TYR C 146 -4.24 0.90 19.54
CA TYR C 146 -5.06 0.21 18.52
C TYR C 146 -4.34 0.24 17.16
N ASN C 147 -3.89 1.42 16.74
CA ASN C 147 -3.24 1.60 15.45
C ASN C 147 -1.96 0.76 15.32
N ALA C 148 -1.13 0.79 16.37
CA ALA C 148 0.11 0.06 16.42
C ALA C 148 -0.15 -1.45 16.43
N SER C 149 -1.00 -1.90 17.36
CA SER C 149 -1.33 -3.33 17.49
C SER C 149 -1.93 -3.89 16.19
N LYS C 150 -2.90 -3.18 15.61
CA LYS C 150 -3.54 -3.59 14.37
C LYS C 150 -2.60 -3.56 13.15
N GLY C 151 -1.71 -2.57 13.10
CA GLY C 151 -0.68 -2.49 12.09
C GLY C 151 0.25 -3.70 12.15
N GLY C 152 0.57 -4.13 13.38
CA GLY C 152 1.38 -5.32 13.60
C GLY C 152 0.66 -6.60 13.17
N LEU C 153 -0.65 -6.66 13.43
CA LEU C 153 -1.49 -7.80 13.06
C LEU C 153 -1.56 -7.97 11.54
N VAL C 154 -1.52 -6.85 10.82
CA VAL C 154 -1.55 -6.84 9.37
C VAL C 154 -0.29 -7.50 8.81
N ASN C 155 0.88 -7.10 9.31
CA ASN C 155 2.10 -7.72 8.83
C ASN C 155 2.31 -9.13 9.39
N LEU C 156 1.79 -9.38 10.59
CA LEU C 156 1.76 -10.72 11.18
C LEU C 156 0.93 -11.66 10.30
N THR C 157 -0.19 -11.14 9.76
CA THR C 157 -1.00 -11.91 8.83
C THR C 157 -0.11 -12.43 7.67
N ARG C 158 0.77 -11.58 7.16
CA ARG C 158 1.70 -11.92 6.06
C ARG C 158 2.71 -12.97 6.53
N SER C 159 3.38 -12.74 7.66
CA SER C 159 4.28 -13.68 8.30
C SER C 159 3.70 -15.08 8.44
N LEU C 160 2.52 -15.16 9.05
CA LEU C 160 1.81 -16.43 9.23
C LEU C 160 1.49 -17.11 7.88
N ALA C 161 1.13 -16.31 6.88
CA ALA C 161 0.81 -16.84 5.55
C ALA C 161 2.02 -17.53 4.95
N LEU C 162 3.17 -16.88 5.05
CA LEU C 162 4.41 -17.47 4.53
C LEU C 162 4.79 -18.74 5.31
N ASP C 163 4.76 -18.66 6.64
CA ASP C 163 5.21 -19.74 7.49
C ASP C 163 4.28 -20.94 7.52
N LEU C 164 2.96 -20.70 7.38
CA LEU C 164 1.96 -21.77 7.49
C LEU C 164 1.54 -22.35 6.14
N ALA C 165 2.00 -21.76 5.05
CA ALA C 165 1.71 -22.33 3.72
C ALA C 165 2.21 -23.77 3.64
N PRO C 166 3.43 -24.12 4.11
CA PRO C 166 3.86 -25.51 4.13
C PRO C 166 2.90 -26.49 4.81
N LEU C 167 2.10 -26.03 5.77
CA LEU C 167 1.17 -26.91 6.54
C LEU C 167 -0.21 -26.88 5.88
N ARG C 168 -0.31 -26.26 4.71
CA ARG C 168 -1.57 -26.18 3.94
C ARG C 168 -2.59 -25.32 4.71
N ILE C 169 -2.12 -24.26 5.38
CA ILE C 169 -3.00 -23.34 6.10
C ILE C 169 -2.87 -21.96 5.47
N ARG C 170 -3.98 -21.44 4.94
CA ARG C 170 -4.07 -20.06 4.38
C ARG C 170 -4.33 -19.11 5.55
N VAL C 171 -3.74 -17.91 5.49
CA VAL C 171 -3.94 -16.90 6.52
C VAL C 171 -4.20 -15.59 5.83
N ASN C 172 -5.36 -14.98 6.12
CA ASN C 172 -5.76 -13.68 5.58
C ASN C 172 -6.32 -12.81 6.69
N ALA C 173 -6.50 -11.54 6.38
CA ALA C 173 -7.16 -10.58 7.26
C ALA C 173 -8.26 -9.84 6.54
N VAL C 174 -9.28 -9.43 7.31
CA VAL C 174 -10.27 -8.49 6.85
C VAL C 174 -10.01 -7.22 7.63
N ALA C 175 -10.22 -6.08 6.97
CA ALA C 175 -9.97 -4.77 7.55
C ALA C 175 -11.28 -3.98 7.56
N PRO C 176 -12.18 -4.18 8.55
CA PRO C 176 -13.48 -3.51 8.54
C PRO C 176 -13.40 -1.99 8.72
N GLY C 177 -14.39 -1.29 8.16
CA GLY C 177 -14.64 0.10 8.48
C GLY C 177 -15.43 0.22 9.75
N ALA C 178 -16.24 1.27 9.86
CA ALA C 178 -17.17 1.46 10.97
C ALA C 178 -18.38 0.53 10.82
N ILE C 179 -18.49 -0.42 11.75
CA ILE C 179 -19.51 -1.45 11.75
C ILE C 179 -20.50 -1.20 12.87
N ALA C 180 -21.79 -1.34 12.58
CA ALA C 180 -22.85 -1.14 13.56
C ALA C 180 -22.96 -2.31 14.53
N THR C 181 -21.90 -2.43 15.32
CA THR C 181 -21.90 -3.38 16.45
C THR C 181 -22.45 -2.60 17.63
N GLU C 182 -22.84 -3.28 18.70
CA GLU C 182 -23.41 -2.62 19.89
C GLU C 182 -22.39 -1.61 20.42
N ALA C 183 -21.11 -1.95 20.46
CA ALA C 183 -20.04 -1.04 20.93
C ALA C 183 -20.03 0.25 20.11
N VAL C 184 -20.00 0.14 18.79
CA VAL C 184 -19.98 1.34 17.90
C VAL C 184 -21.30 2.14 18.06
N LEU C 185 -22.43 1.45 18.27
CA LEU C 185 -23.73 2.16 18.41
C LEU C 185 -23.79 2.88 19.76
N GLU C 186 -23.07 2.38 20.77
CA GLU C 186 -23.02 3.02 22.10
C GLU C 186 -22.02 4.17 22.06
N ALA C 187 -20.90 3.98 21.39
CA ALA C 187 -19.97 5.10 21.21
C ALA C 187 -20.66 6.33 20.60
N ILE C 188 -21.50 6.06 19.59
CA ILE C 188 -22.32 7.08 18.95
C ILE C 188 -23.23 7.71 19.99
N ALA C 189 -23.93 6.86 20.74
CA ALA C 189 -24.91 7.30 21.74
C ALA C 189 -24.27 8.15 22.85
N LEU C 190 -23.02 7.86 23.20
CA LEU C 190 -22.27 8.58 24.22
C LEU C 190 -21.43 9.72 23.72
N SER C 191 -21.49 10.00 22.41
CA SER C 191 -20.70 11.09 21.84
C SER C 191 -21.37 12.44 22.13
N PRO C 192 -20.63 13.56 22.13
CA PRO C 192 -21.23 14.88 22.39
C PRO C 192 -22.48 15.20 21.53
N ASP C 193 -22.47 14.76 20.27
CA ASP C 193 -23.58 14.96 19.34
C ASP C 193 -23.85 13.65 18.60
N PRO C 194 -24.61 12.70 19.20
CA PRO C 194 -24.86 11.40 18.58
C PRO C 194 -25.37 11.48 17.13
N GLU C 195 -26.29 12.40 16.85
CA GLU C 195 -26.88 12.57 15.55
C GLU C 195 -25.80 12.89 14.51
N ARG C 196 -24.90 13.81 14.84
CA ARG C 196 -23.83 14.19 13.89
C ARG C 196 -22.77 13.11 13.80
N THR C 197 -22.42 12.46 14.92
CA THR C 197 -21.42 11.39 14.86
C THR C 197 -21.90 10.28 13.96
N ARG C 198 -23.18 9.93 14.01
CA ARG C 198 -23.78 8.89 13.13
C ARG C 198 -23.54 9.26 11.65
N ARG C 199 -23.94 10.48 11.28
CA ARG C 199 -23.81 10.99 9.89
C ARG C 199 -22.32 11.01 9.50
N ASP C 200 -21.45 11.45 10.40
CA ASP C 200 -19.99 11.54 10.11
C ASP C 200 -19.35 10.16 9.91
N TRP C 201 -19.77 9.15 10.67
CA TRP C 201 -19.25 7.79 10.54
C TRP C 201 -19.83 7.05 9.36
N GLU C 202 -21.10 7.30 9.04
CA GLU C 202 -21.68 6.76 7.81
C GLU C 202 -20.88 7.24 6.62
N ASP C 203 -20.55 8.53 6.64
CA ASP C 203 -19.89 9.23 5.56
C ASP C 203 -18.39 8.99 5.47
N LEU C 204 -17.90 8.06 6.28
CA LEU C 204 -16.50 7.62 6.17
C LEU C 204 -16.47 6.61 5.03
N HIS C 205 -17.62 6.15 4.60
CA HIS C 205 -17.74 5.16 3.54
C HIS C 205 -18.40 5.78 2.32
N ALA C 206 -17.97 5.33 1.14
CA ALA C 206 -18.59 5.71 -0.12
C ALA C 206 -20.09 5.33 -0.17
N LEU C 207 -20.46 4.23 0.49
CA LEU C 207 -21.83 3.75 0.55
C LEU C 207 -22.69 4.56 1.53
N ARG C 208 -22.04 5.43 2.30
CA ARG C 208 -22.69 6.40 3.20
C ARG C 208 -23.70 5.70 4.13
N ARG C 209 -23.22 4.63 4.78
CA ARG C 209 -23.95 3.92 5.87
C ARG C 209 -22.91 3.15 6.70
N LEU C 210 -23.25 2.74 7.91
CA LEU C 210 -22.38 1.87 8.71
C LEU C 210 -22.46 0.49 8.06
N GLY C 211 -21.38 -0.29 8.22
CA GLY C 211 -21.39 -1.68 7.83
C GLY C 211 -22.16 -2.48 8.86
N LYS C 212 -22.70 -3.63 8.43
CA LYS C 212 -23.38 -4.54 9.35
C LYS C 212 -22.41 -5.66 9.72
N PRO C 213 -22.46 -6.17 10.98
CA PRO C 213 -21.60 -7.28 11.37
C PRO C 213 -21.70 -8.47 10.41
N GLU C 214 -22.91 -8.73 9.90
CA GLU C 214 -23.13 -9.83 8.95
C GLU C 214 -22.29 -9.69 7.68
N GLU C 215 -22.08 -8.45 7.27
CA GLU C 215 -21.27 -8.14 6.11
C GLU C 215 -19.79 -8.48 6.35
N VAL C 216 -19.28 -8.17 7.54
CA VAL C 216 -17.93 -8.62 7.93
C VAL C 216 -17.87 -10.16 7.96
N ALA C 217 -18.91 -10.78 8.53
CA ALA C 217 -18.99 -12.24 8.66
C ALA C 217 -18.84 -12.95 7.32
N GLU C 218 -19.52 -12.41 6.28
CA GLU C 218 -19.48 -12.97 4.93
C GLU C 218 -18.06 -12.96 4.37
N ALA C 219 -17.34 -11.86 4.60
CA ALA C 219 -15.97 -11.74 4.14
C ALA C 219 -15.08 -12.77 4.82
N VAL C 220 -15.25 -12.92 6.14
CA VAL C 220 -14.51 -13.88 6.95
C VAL C 220 -14.80 -15.28 6.45
N LEU C 221 -16.09 -15.58 6.26
CA LEU C 221 -16.57 -16.86 5.76
C LEU C 221 -15.94 -17.23 4.43
N PHE C 222 -15.95 -16.30 3.48
CA PHE C 222 -15.37 -16.51 2.17
C PHE C 222 -13.88 -16.87 2.24
N LEU C 223 -13.11 -16.03 2.95
CA LEU C 223 -11.65 -16.20 3.12
C LEU C 223 -11.25 -17.49 3.83
N ALA C 224 -12.14 -17.99 4.69
CA ALA C 224 -11.95 -19.26 5.39
C ALA C 224 -12.33 -20.50 4.56
N SER C 225 -13.02 -20.29 3.44
CA SER C 225 -13.57 -21.38 2.63
C SER C 225 -12.65 -21.76 1.47
N GLU C 226 -12.95 -22.89 0.82
CA GLU C 226 -12.13 -23.38 -0.31
C GLU C 226 -12.35 -22.51 -1.53
N LYS C 227 -13.43 -21.76 -1.54
CA LYS C 227 -13.64 -20.76 -2.60
C LYS C 227 -12.46 -19.78 -2.69
N ALA C 228 -11.73 -19.61 -1.58
CA ALA C 228 -10.57 -18.73 -1.50
C ALA C 228 -9.24 -19.49 -1.47
N SER C 229 -9.20 -20.66 -2.11
CA SER C 229 -8.06 -21.57 -2.10
C SER C 229 -6.71 -21.02 -2.60
N PHE C 230 -6.74 -19.98 -3.46
CA PHE C 230 -5.52 -19.32 -3.93
C PHE C 230 -5.35 -17.94 -3.31
N ILE C 231 -5.97 -17.72 -2.15
CA ILE C 231 -5.84 -16.46 -1.45
C ILE C 231 -5.22 -16.72 -0.10
N THR C 232 -3.97 -16.26 0.06
CA THR C 232 -3.32 -16.24 1.36
C THR C 232 -2.45 -15.01 1.45
N GLY C 233 -2.32 -14.46 2.68
CA GLY C 233 -1.51 -13.27 2.92
C GLY C 233 -2.21 -11.96 2.59
N ALA C 234 -3.47 -12.04 2.13
CA ALA C 234 -4.21 -10.88 1.70
C ALA C 234 -4.91 -10.15 2.85
N ILE C 235 -5.03 -8.82 2.71
CA ILE C 235 -5.73 -7.96 3.62
C ILE C 235 -6.91 -7.36 2.85
N LEU C 236 -8.13 -7.78 3.16
CA LEU C 236 -9.31 -7.37 2.44
C LEU C 236 -10.07 -6.28 3.20
N PRO C 237 -10.11 -5.02 2.70
CA PRO C 237 -10.98 -4.01 3.31
C PRO C 237 -12.46 -4.43 3.22
N VAL C 238 -13.21 -4.27 4.31
CA VAL C 238 -14.66 -4.41 4.28
C VAL C 238 -15.16 -3.12 4.86
N ASP C 239 -15.11 -2.07 4.03
CA ASP C 239 -15.18 -0.69 4.51
C ASP C 239 -15.98 0.23 3.60
N GLY C 240 -16.89 -0.35 2.81
CA GLY C 240 -17.73 0.41 1.90
C GLY C 240 -17.06 1.59 1.17
N GLY C 241 -15.79 1.40 0.78
CA GLY C 241 -15.06 2.37 -0.02
C GLY C 241 -14.22 3.39 0.73
N MET C 242 -14.17 3.27 2.07
CA MET C 242 -13.46 4.21 2.95
C MET C 242 -12.01 4.47 2.55
N THR C 243 -11.27 3.39 2.29
CA THR C 243 -9.81 3.47 2.02
C THR C 243 -9.54 3.66 0.53
N ALA C 244 -10.60 3.76 -0.27
CA ALA C 244 -10.46 4.11 -1.70
C ALA C 244 -10.23 5.62 -1.94
N SER C 245 -10.57 6.43 -0.92
CA SER C 245 -10.36 7.90 -0.94
C SER C 245 -9.25 8.32 0.01
N PHE C 246 -8.56 9.41 -0.33
CA PHE C 246 -7.57 10.09 0.50
C PHE C 246 -8.19 11.06 1.50
N MET C 247 -9.52 11.18 1.51
CA MET C 247 -10.28 11.97 2.44
C MET C 247 -11.51 11.13 2.79
N MET C 248 -12.54 11.75 3.36
CA MET C 248 -13.80 11.06 3.64
C MET C 248 -14.43 10.59 2.34
N ALA C 249 -14.54 9.25 2.21
CA ALA C 249 -15.00 8.61 0.99
C ALA C 249 -16.46 8.98 0.72
N GLY C 250 -17.23 9.19 1.78
CA GLY C 250 -18.65 9.51 1.69
C GLY C 250 -19.00 10.98 1.84
N ARG C 251 -17.98 11.82 1.79
CA ARG C 251 -18.12 13.30 1.92
C ARG C 251 -16.86 13.97 1.41
N PRO C 252 -16.65 14.04 0.08
CA PRO C 252 -15.51 14.79 -0.49
C PRO C 252 -15.56 16.30 -0.22
N VAL C 253 -14.43 17.00 -0.33
CA VAL C 253 -14.43 18.45 -0.09
C VAL C 253 -13.78 19.26 -1.20
N GLY D 2 -29.51 -20.45 -8.05
CA GLY D 2 -28.19 -20.10 -7.48
C GLY D 2 -28.08 -18.64 -7.06
N LEU D 3 -26.84 -18.21 -6.80
CA LEU D 3 -26.53 -16.88 -6.28
C LEU D 3 -26.74 -15.75 -7.29
N PHE D 4 -26.77 -16.06 -8.59
CA PHE D 4 -27.03 -15.08 -9.64
C PHE D 4 -28.18 -15.50 -10.54
N ALA D 5 -29.11 -16.27 -9.99
CA ALA D 5 -30.26 -16.79 -10.74
C ALA D 5 -31.05 -15.66 -11.36
N GLY D 6 -31.16 -15.68 -12.70
CA GLY D 6 -31.93 -14.70 -13.44
C GLY D 6 -31.15 -13.45 -13.82
N LYS D 7 -30.00 -13.24 -13.18
CA LYS D 7 -29.21 -12.02 -13.34
C LYS D 7 -28.43 -12.04 -14.66
N GLY D 8 -28.19 -10.84 -15.19
CA GLY D 8 -27.45 -10.65 -16.43
C GLY D 8 -26.02 -10.28 -16.14
N VAL D 9 -25.09 -11.05 -16.70
CA VAL D 9 -23.67 -10.88 -16.44
C VAL D 9 -22.91 -10.72 -17.73
N LEU D 10 -22.14 -9.64 -17.84
CA LEU D 10 -21.25 -9.36 -18.98
C LEU D 10 -19.82 -9.66 -18.58
N VAL D 11 -19.13 -10.42 -19.44
CA VAL D 11 -17.71 -10.77 -19.20
C VAL D 11 -16.89 -10.41 -20.44
N THR D 12 -15.99 -9.44 -20.32
CA THR D 12 -15.07 -9.07 -21.42
C THR D 12 -13.92 -10.08 -21.41
N GLY D 13 -13.46 -10.54 -22.57
CA GLY D 13 -12.44 -11.59 -22.59
C GLY D 13 -12.94 -12.82 -21.87
N GLY D 14 -14.06 -13.39 -22.34
CA GLY D 14 -14.65 -14.60 -21.72
C GLY D 14 -14.32 -15.87 -22.48
N GLY D 15 -13.45 -15.79 -23.49
CA GLY D 15 -13.06 -16.95 -24.31
C GLY D 15 -12.34 -18.02 -23.51
N ILE D 16 -11.65 -17.64 -22.45
CA ILE D 16 -11.05 -18.65 -21.54
C ILE D 16 -12.20 -19.49 -20.99
N GLY D 17 -13.17 -18.87 -20.29
CA GLY D 17 -14.37 -19.62 -19.88
C GLY D 17 -14.58 -19.85 -18.40
N ALA D 18 -13.55 -19.75 -17.57
CA ALA D 18 -13.71 -20.09 -16.15
C ALA D 18 -14.71 -19.18 -15.46
N ILE D 19 -14.57 -17.86 -15.68
CA ILE D 19 -15.44 -16.85 -15.08
C ILE D 19 -16.89 -17.00 -15.55
N ALA D 20 -17.08 -17.08 -16.87
CA ALA D 20 -18.38 -17.33 -17.49
C ALA D 20 -19.04 -18.58 -16.92
N GLN D 21 -18.29 -19.69 -16.89
CA GLN D 21 -18.81 -20.95 -16.39
C GLN D 21 -19.29 -20.81 -14.93
N ALA D 22 -18.49 -20.12 -14.11
CA ALA D 22 -18.77 -19.92 -12.69
C ALA D 22 -20.08 -19.16 -12.45
N PHE D 23 -20.32 -18.10 -13.22
CA PHE D 23 -21.57 -17.34 -13.13
C PHE D 23 -22.75 -18.17 -13.65
N ALA D 24 -22.55 -18.84 -14.79
CA ALA D 24 -23.56 -19.70 -15.39
C ALA D 24 -23.99 -20.79 -14.40
N ARG D 25 -23.01 -21.41 -13.74
CA ARG D 25 -23.22 -22.48 -12.71
C ARG D 25 -24.11 -21.94 -11.59
N GLU D 26 -24.09 -20.62 -11.32
CA GLU D 26 -24.95 -20.00 -10.30
C GLU D 26 -26.22 -19.36 -10.89
N GLY D 27 -26.57 -19.75 -12.12
CA GLY D 27 -27.85 -19.41 -12.71
C GLY D 27 -27.89 -18.10 -13.48
N ALA D 28 -26.72 -17.53 -13.79
CA ALA D 28 -26.63 -16.27 -14.50
C ALA D 28 -26.89 -16.46 -15.99
N LEU D 29 -27.45 -15.41 -16.60
CA LEU D 29 -27.50 -15.26 -18.05
C LEU D 29 -26.22 -14.50 -18.43
N VAL D 30 -25.32 -15.17 -19.14
CA VAL D 30 -24.00 -14.65 -19.41
C VAL D 30 -23.88 -14.23 -20.86
N ALA D 31 -23.46 -12.98 -21.08
CA ALA D 31 -23.02 -12.50 -22.38
C ALA D 31 -21.52 -12.28 -22.28
N LEU D 32 -20.75 -13.00 -23.09
CA LEU D 32 -19.32 -12.78 -23.16
C LEU D 32 -18.92 -12.29 -24.53
N CYS D 33 -17.81 -11.54 -24.57
CA CYS D 33 -17.22 -11.13 -25.83
C CYS D 33 -15.75 -11.45 -25.81
N ASP D 34 -15.19 -11.57 -27.01
CA ASP D 34 -13.80 -11.88 -27.19
C ASP D 34 -13.44 -11.60 -28.65
N LEU D 35 -12.16 -11.29 -28.88
CA LEU D 35 -11.63 -11.10 -30.22
C LEU D 35 -11.60 -12.44 -30.94
N ARG D 36 -11.22 -13.50 -30.21
CA ARG D 36 -11.03 -14.88 -30.72
C ARG D 36 -12.40 -15.56 -30.84
N PRO D 37 -12.74 -16.20 -31.99
CA PRO D 37 -14.06 -16.80 -32.18
C PRO D 37 -14.36 -18.02 -31.30
N GLU D 38 -13.33 -18.63 -30.70
CA GLU D 38 -13.48 -19.80 -29.83
C GLU D 38 -14.43 -19.57 -28.67
N GLY D 39 -14.59 -18.31 -28.25
CA GLY D 39 -15.51 -17.92 -27.20
C GLY D 39 -16.95 -18.34 -27.45
N LYS D 40 -17.31 -18.56 -28.73
CA LYS D 40 -18.60 -19.12 -29.11
C LYS D 40 -18.86 -20.50 -28.46
N GLU D 41 -17.81 -21.33 -28.39
CA GLU D 41 -17.89 -22.64 -27.77
C GLU D 41 -18.27 -22.51 -26.29
N VAL D 42 -17.59 -21.58 -25.59
CA VAL D 42 -17.86 -21.28 -24.19
C VAL D 42 -19.32 -20.88 -23.99
N ALA D 43 -19.82 -19.97 -24.83
CA ALA D 43 -21.20 -19.50 -24.73
C ALA D 43 -22.23 -20.61 -24.99
N GLU D 44 -21.98 -21.42 -26.02
CA GLU D 44 -22.81 -22.58 -26.33
C GLU D 44 -22.80 -23.58 -25.19
N ALA D 45 -21.59 -23.88 -24.69
CA ALA D 45 -21.41 -24.80 -23.57
C ALA D 45 -22.17 -24.43 -22.29
N ILE D 46 -22.53 -23.13 -22.12
CA ILE D 46 -23.14 -22.64 -20.88
C ILE D 46 -24.51 -21.98 -21.05
N GLY D 47 -25.05 -21.98 -22.27
CA GLY D 47 -26.33 -21.39 -22.55
C GLY D 47 -26.33 -19.87 -22.53
N GLY D 48 -25.20 -19.27 -22.92
CA GLY D 48 -25.04 -17.81 -22.95
C GLY D 48 -24.87 -17.27 -24.35
N ALA D 49 -24.81 -15.93 -24.46
CA ALA D 49 -24.60 -15.26 -25.74
C ALA D 49 -23.11 -14.95 -25.92
N PHE D 50 -22.65 -15.02 -27.18
CA PHE D 50 -21.28 -14.64 -27.55
C PHE D 50 -21.29 -13.53 -28.58
N PHE D 51 -20.38 -12.57 -28.41
CA PHE D 51 -20.17 -11.48 -29.36
C PHE D 51 -18.70 -11.39 -29.69
N GLN D 52 -18.37 -11.44 -30.98
CA GLN D 52 -16.99 -11.23 -31.41
C GLN D 52 -16.76 -9.73 -31.43
N VAL D 53 -15.87 -9.24 -30.57
CA VAL D 53 -15.70 -7.82 -30.31
C VAL D 53 -14.26 -7.44 -30.17
N ASP D 54 -13.86 -6.34 -30.81
CA ASP D 54 -12.57 -5.73 -30.58
C ASP D 54 -12.70 -4.56 -29.60
N LEU D 55 -12.29 -4.79 -28.36
CA LEU D 55 -12.47 -3.82 -27.28
C LEU D 55 -11.61 -2.57 -27.45
N GLU D 56 -10.66 -2.64 -28.39
CA GLU D 56 -9.86 -1.47 -28.73
C GLU D 56 -10.72 -0.35 -29.33
N ASP D 57 -11.82 -0.72 -29.99
CA ASP D 57 -12.68 0.19 -30.74
C ASP D 57 -13.87 0.64 -29.89
N GLU D 58 -13.96 1.96 -29.66
CA GLU D 58 -15.02 2.52 -28.83
C GLU D 58 -16.44 2.25 -29.33
N ARG D 59 -16.63 2.24 -30.65
CA ARG D 59 -17.94 1.92 -31.27
C ARG D 59 -18.31 0.48 -30.96
N GLU D 60 -17.35 -0.44 -31.07
CA GLU D 60 -17.60 -1.85 -30.77
C GLU D 60 -17.95 -2.07 -29.29
N ARG D 61 -17.35 -1.29 -28.39
CA ARG D 61 -17.63 -1.35 -26.93
C ARG D 61 -19.09 -0.94 -26.69
N VAL D 62 -19.54 0.15 -27.32
CA VAL D 62 -20.92 0.61 -27.20
C VAL D 62 -21.89 -0.47 -27.70
N ARG D 63 -21.58 -1.02 -28.89
CA ARG D 63 -22.46 -2.01 -29.56
C ARG D 63 -22.55 -3.26 -28.69
N PHE D 64 -21.45 -3.66 -28.04
CA PHE D 64 -21.44 -4.87 -27.22
C PHE D 64 -22.42 -4.75 -26.06
N VAL D 65 -22.33 -3.64 -25.30
CA VAL D 65 -23.17 -3.47 -24.12
C VAL D 65 -24.64 -3.37 -24.53
N GLU D 66 -24.93 -2.61 -25.59
CA GLU D 66 -26.30 -2.46 -26.09
C GLU D 66 -26.93 -3.79 -26.51
N GLU D 67 -26.19 -4.57 -27.32
CA GLU D 67 -26.67 -5.85 -27.81
C GLU D 67 -26.72 -6.95 -26.76
N ALA D 68 -25.76 -6.95 -25.84
CA ALA D 68 -25.75 -7.91 -24.73
C ALA D 68 -26.91 -7.63 -23.78
N ALA D 69 -27.12 -6.34 -23.46
CA ALA D 69 -28.26 -5.87 -22.66
C ALA D 69 -29.58 -6.35 -23.25
N TYR D 70 -29.72 -6.16 -24.56
CA TYR D 70 -30.92 -6.61 -25.32
C TYR D 70 -31.05 -8.14 -25.22
N ALA D 71 -29.97 -8.88 -25.49
CA ALA D 71 -29.97 -10.33 -25.46
C ALA D 71 -30.38 -10.86 -24.09
N LEU D 72 -29.82 -10.27 -23.02
CA LEU D 72 -30.03 -10.77 -21.65
C LEU D 72 -31.30 -10.27 -20.99
N GLY D 73 -31.79 -9.10 -21.43
CA GLY D 73 -32.94 -8.46 -20.81
C GLY D 73 -32.59 -7.53 -19.66
N ARG D 74 -31.36 -7.62 -19.14
CA ARG D 74 -30.91 -6.85 -17.95
C ARG D 74 -29.39 -6.97 -17.81
N VAL D 75 -28.77 -5.98 -17.17
CA VAL D 75 -27.37 -6.03 -16.78
C VAL D 75 -27.22 -5.81 -15.28
N ASP D 76 -26.68 -6.83 -14.60
CA ASP D 76 -26.43 -6.79 -13.15
C ASP D 76 -24.94 -6.70 -12.77
N VAL D 77 -24.08 -7.26 -13.64
CA VAL D 77 -22.67 -7.47 -13.38
C VAL D 77 -21.89 -7.28 -14.66
N LEU D 78 -20.78 -6.55 -14.55
CA LEU D 78 -19.77 -6.44 -15.59
C LEU D 78 -18.49 -6.96 -14.99
N VAL D 79 -17.81 -7.85 -15.73
CA VAL D 79 -16.46 -8.28 -15.40
C VAL D 79 -15.57 -7.87 -16.56
N ASN D 80 -14.64 -6.94 -16.30
CA ASN D 80 -13.64 -6.55 -17.25
C ASN D 80 -12.42 -7.45 -17.11
N ASN D 81 -12.29 -8.41 -18.04
CA ASN D 81 -11.21 -9.36 -17.98
C ASN D 81 -10.23 -9.36 -19.16
N ALA D 82 -10.56 -8.65 -20.23
CA ALA D 82 -9.72 -8.61 -21.42
C ALA D 82 -8.48 -7.79 -21.16
N ALA D 83 -7.32 -8.30 -21.58
CA ALA D 83 -6.07 -7.58 -21.43
C ALA D 83 -5.06 -8.02 -22.48
N ILE D 84 -4.14 -7.11 -22.83
CA ILE D 84 -3.02 -7.39 -23.69
C ILE D 84 -1.79 -6.76 -23.08
N ALA D 85 -0.63 -7.06 -23.68
CA ALA D 85 0.66 -6.57 -23.24
C ALA D 85 1.47 -6.21 -24.48
N ALA D 86 2.48 -5.37 -24.30
CA ALA D 86 3.45 -5.04 -25.34
C ALA D 86 4.80 -5.20 -24.64
N PRO D 87 5.51 -6.33 -24.85
CA PRO D 87 6.78 -6.58 -24.18
C PRO D 87 7.77 -5.43 -24.44
N GLY D 88 8.58 -5.11 -23.42
CA GLY D 88 9.57 -4.08 -23.51
C GLY D 88 9.50 -3.11 -22.35
N SER D 89 10.66 -2.50 -22.08
CA SER D 89 10.78 -1.39 -21.20
C SER D 89 10.33 -0.15 -21.97
N ALA D 90 10.31 1.00 -21.30
CA ALA D 90 10.04 2.27 -21.95
C ALA D 90 11.02 2.55 -23.10
N LEU D 91 12.21 1.96 -23.04
CA LEU D 91 13.24 2.18 -24.04
C LEU D 91 12.94 1.49 -25.35
N THR D 92 12.25 0.34 -25.29
CA THR D 92 12.05 -0.49 -26.49
C THR D 92 10.62 -0.60 -26.99
N VAL D 93 9.64 -0.26 -26.16
CA VAL D 93 8.23 -0.34 -26.58
C VAL D 93 7.94 0.77 -27.57
N ARG D 94 7.22 0.46 -28.65
CA ARG D 94 6.79 1.45 -29.67
C ARG D 94 5.53 2.15 -29.14
N LEU D 95 5.41 3.46 -29.36
CA LEU D 95 4.28 4.24 -28.87
C LEU D 95 2.92 3.72 -29.32
N PRO D 96 2.73 3.34 -30.60
CA PRO D 96 1.45 2.75 -31.02
C PRO D 96 1.05 1.51 -30.20
N GLU D 97 2.00 0.60 -29.90
CA GLU D 97 1.71 -0.60 -29.07
C GLU D 97 1.29 -0.20 -27.65
N TRP D 98 2.08 0.70 -27.06
CA TRP D 98 1.83 1.28 -25.75
C TRP D 98 0.40 1.84 -25.66
N ARG D 99 0.02 2.67 -26.63
CA ARG D 99 -1.32 3.33 -26.70
C ARG D 99 -2.41 2.27 -26.88
N ARG D 100 -2.14 1.20 -27.61
CA ARG D 100 -3.13 0.11 -27.81
C ARG D 100 -3.33 -0.66 -26.49
N VAL D 101 -2.27 -0.86 -25.71
CA VAL D 101 -2.39 -1.52 -24.42
C VAL D 101 -3.19 -0.68 -23.43
N LEU D 102 -2.90 0.64 -23.38
CA LEU D 102 -3.67 1.56 -22.56
C LEU D 102 -5.13 1.62 -23.00
N GLU D 103 -5.39 1.60 -24.30
CA GLU D 103 -6.74 1.63 -24.80
C GLU D 103 -7.51 0.41 -24.30
N VAL D 104 -6.93 -0.78 -24.49
CA VAL D 104 -7.60 -2.03 -24.17
C VAL D 104 -7.69 -2.29 -22.66
N ASN D 105 -6.59 -2.08 -21.93
CA ASN D 105 -6.49 -2.44 -20.52
C ASN D 105 -7.03 -1.42 -19.54
N LEU D 106 -7.12 -0.16 -19.97
CA LEU D 106 -7.45 0.95 -19.07
C LEU D 106 -8.69 1.74 -19.55
N THR D 107 -8.65 2.23 -20.79
CA THR D 107 -9.73 3.01 -21.37
C THR D 107 -10.98 2.15 -21.56
N ALA D 108 -10.81 0.98 -22.15
CA ALA D 108 -11.95 0.08 -22.39
C ALA D 108 -12.69 -0.22 -21.08
N PRO D 109 -12.04 -0.70 -20.00
CA PRO D 109 -12.72 -0.89 -18.73
C PRO D 109 -13.49 0.34 -18.21
N MET D 110 -12.93 1.55 -18.32
CA MET D 110 -13.58 2.78 -17.90
C MET D 110 -14.88 2.99 -18.66
N HIS D 111 -14.77 2.91 -19.98
CA HIS D 111 -15.88 3.12 -20.92
C HIS D 111 -17.00 2.09 -20.72
N LEU D 112 -16.61 0.81 -20.61
CA LEU D 112 -17.53 -0.29 -20.43
C LEU D 112 -18.25 -0.21 -19.09
N SER D 113 -17.52 0.24 -18.05
CA SER D 113 -18.10 0.45 -16.73
C SER D 113 -19.22 1.51 -16.78
N ALA D 114 -18.97 2.62 -17.50
CA ALA D 114 -19.97 3.66 -17.67
C ALA D 114 -21.20 3.15 -18.40
N LEU D 115 -20.99 2.43 -19.52
CA LEU D 115 -22.08 1.88 -20.32
C LEU D 115 -22.92 0.89 -19.51
N ALA D 116 -22.24 -0.10 -18.93
CA ALA D 116 -22.88 -1.10 -18.06
C ALA D 116 -23.64 -0.45 -16.89
N ALA D 117 -23.06 0.61 -16.32
CA ALA D 117 -23.64 1.29 -15.17
C ALA D 117 -25.05 1.85 -15.48
N ARG D 118 -25.20 2.46 -16.67
CA ARG D 118 -26.49 3.04 -17.13
C ARG D 118 -27.55 1.93 -17.21
N GLU D 119 -27.14 0.71 -17.56
CA GLU D 119 -28.06 -0.45 -17.63
C GLU D 119 -28.34 -1.03 -16.23
N MET D 120 -27.36 -1.03 -15.33
CA MET D 120 -27.57 -1.47 -13.94
C MET D 120 -28.57 -0.62 -13.14
N ARG D 121 -28.63 0.68 -13.45
CA ARG D 121 -29.63 1.62 -12.86
C ARG D 121 -31.03 1.05 -13.04
N LYS D 122 -31.33 0.51 -14.23
CA LYS D 122 -32.63 -0.04 -14.53
C LYS D 122 -33.04 -1.18 -13.61
N VAL D 123 -32.08 -1.88 -13.01
CA VAL D 123 -32.37 -2.96 -12.08
C VAL D 123 -31.96 -2.67 -10.62
N GLY D 124 -31.68 -1.40 -10.32
CA GLY D 124 -31.47 -0.93 -8.95
C GLY D 124 -30.06 -1.08 -8.39
N GLY D 125 -29.10 -1.35 -9.27
CA GLY D 125 -27.72 -1.47 -8.90
C GLY D 125 -27.11 -2.74 -9.48
N GLY D 126 -25.89 -3.04 -9.01
CA GLY D 126 -25.14 -4.16 -9.50
C GLY D 126 -23.72 -4.08 -9.05
N ALA D 127 -22.84 -4.84 -9.72
CA ALA D 127 -21.43 -4.92 -9.33
C ALA D 127 -20.53 -4.98 -10.54
N ILE D 128 -19.39 -4.29 -10.44
CA ILE D 128 -18.34 -4.38 -11.43
C ILE D 128 -17.12 -4.97 -10.76
N VAL D 129 -16.49 -5.93 -11.44
CA VAL D 129 -15.23 -6.48 -11.01
C VAL D 129 -14.22 -6.34 -12.14
N ASN D 130 -13.14 -5.58 -11.90
CA ASN D 130 -12.03 -5.50 -12.83
C ASN D 130 -10.98 -6.55 -12.48
N VAL D 131 -10.55 -7.33 -13.46
CA VAL D 131 -9.43 -8.23 -13.28
C VAL D 131 -8.18 -7.42 -13.62
N ALA D 132 -7.48 -6.97 -12.58
CA ALA D 132 -6.23 -6.23 -12.73
C ALA D 132 -5.14 -7.31 -12.74
N SER D 133 -4.17 -7.19 -11.84
CA SER D 133 -3.07 -8.14 -11.71
C SER D 133 -2.22 -7.64 -10.56
N VAL D 134 -1.40 -8.52 -10.00
CA VAL D 134 -0.36 -8.08 -9.09
C VAL D 134 0.57 -7.10 -9.82
N GLN D 135 0.58 -7.18 -11.15
CA GLN D 135 1.35 -6.28 -12.01
C GLN D 135 0.75 -4.87 -12.17
N GLY D 136 -0.39 -4.62 -11.50
CA GLY D 136 -0.92 -3.29 -11.30
C GLY D 136 -0.49 -2.66 -9.98
N LEU D 137 0.03 -3.48 -9.06
CA LEU D 137 0.47 -3.04 -7.73
C LEU D 137 2.00 -2.95 -7.64
N PHE D 138 2.68 -3.76 -8.44
CA PHE D 138 4.12 -3.79 -8.54
C PHE D 138 4.42 -3.87 -10.02
N ALA D 139 5.70 -3.74 -10.38
CA ALA D 139 6.13 -3.93 -11.73
C ALA D 139 7.07 -5.12 -11.82
N GLU D 140 7.44 -5.43 -13.06
CA GLU D 140 8.57 -6.30 -13.39
C GLU D 140 9.30 -5.67 -14.58
N GLN D 141 10.53 -6.16 -14.80
CA GLN D 141 11.37 -5.76 -15.92
C GLN D 141 10.63 -6.00 -17.22
N GLU D 142 10.74 -5.04 -18.14
CA GLU D 142 10.33 -5.18 -19.54
C GLU D 142 8.87 -5.48 -19.80
N ASN D 143 8.00 -4.79 -19.08
CA ASN D 143 6.58 -4.98 -19.23
C ASN D 143 5.81 -3.68 -18.92
N ALA D 144 6.34 -2.56 -19.43
CA ALA D 144 5.94 -1.23 -19.02
C ALA D 144 4.49 -0.91 -19.34
N ALA D 145 4.06 -1.22 -20.55
CA ALA D 145 2.67 -0.98 -20.97
C ALA D 145 1.69 -1.69 -20.00
N TYR D 146 1.94 -2.96 -19.72
CA TYR D 146 1.10 -3.78 -18.81
C TYR D 146 1.08 -3.16 -17.42
N ASN D 147 2.27 -2.87 -16.88
CA ASN D 147 2.41 -2.33 -15.53
C ASN D 147 1.70 -0.99 -15.36
N ALA D 148 1.90 -0.10 -16.34
CA ALA D 148 1.29 1.21 -16.33
C ALA D 148 -0.24 1.12 -16.48
N SER D 149 -0.69 0.38 -17.50
CA SER D 149 -2.13 0.21 -17.74
C SER D 149 -2.85 -0.41 -16.54
N LYS D 150 -2.28 -1.49 -16.00
CA LYS D 150 -2.86 -2.17 -14.84
C LYS D 150 -2.83 -1.33 -13.55
N GLY D 151 -1.76 -0.56 -13.37
CA GLY D 151 -1.66 0.38 -12.27
C GLY D 151 -2.76 1.42 -12.33
N GLY D 152 -3.06 1.87 -13.55
CA GLY D 152 -4.15 2.81 -13.78
C GLY D 152 -5.51 2.22 -13.49
N LEU D 153 -5.68 0.94 -13.87
CA LEU D 153 -6.92 0.20 -13.66
C LEU D 153 -7.23 0.03 -12.16
N VAL D 154 -6.16 -0.12 -11.37
CA VAL D 154 -6.26 -0.26 -9.93
C VAL D 154 -6.85 1.03 -9.31
N ASN D 155 -6.30 2.19 -9.68
CA ASN D 155 -6.81 3.42 -9.14
C ASN D 155 -8.16 3.83 -9.77
N LEU D 156 -8.36 3.43 -11.04
CA LEU D 156 -9.65 3.60 -11.70
C LEU D 156 -10.74 2.80 -10.96
N THR D 157 -10.38 1.60 -10.49
CA THR D 157 -11.28 0.81 -9.68
C THR D 157 -11.80 1.64 -8.49
N ARG D 158 -10.90 2.39 -7.85
CA ARG D 158 -11.23 3.26 -6.68
C ARG D 158 -12.14 4.41 -7.13
N SER D 159 -11.76 5.13 -8.19
CA SER D 159 -12.57 6.18 -8.80
C SER D 159 -14.00 5.74 -9.06
N LEU D 160 -14.16 4.63 -9.78
CA LEU D 160 -15.48 4.08 -10.11
C LEU D 160 -16.27 3.73 -8.84
N ALA D 161 -15.59 3.20 -7.82
CA ALA D 161 -16.24 2.83 -6.57
C ALA D 161 -16.84 4.05 -5.89
N LEU D 162 -16.07 5.15 -5.84
CA LEU D 162 -16.56 6.36 -5.24
C LEU D 162 -17.74 6.94 -6.04
N ASP D 163 -17.59 7.02 -7.37
CA ASP D 163 -18.58 7.65 -8.21
C ASP D 163 -19.86 6.85 -8.37
N LEU D 164 -19.76 5.52 -8.36
CA LEU D 164 -20.90 4.64 -8.62
C LEU D 164 -21.61 4.14 -7.34
N ALA D 165 -21.05 4.48 -6.17
CA ALA D 165 -21.65 4.12 -4.89
C ALA D 165 -23.07 4.63 -4.78
N PRO D 166 -23.35 5.92 -5.09
CA PRO D 166 -24.72 6.42 -5.04
C PRO D 166 -25.71 5.67 -5.94
N LEU D 167 -25.23 4.99 -6.99
CA LEU D 167 -26.08 4.18 -7.86
C LEU D 167 -26.27 2.77 -7.38
N ARG D 168 -25.76 2.48 -6.17
CA ARG D 168 -25.78 1.13 -5.56
C ARG D 168 -25.01 0.16 -6.46
N ILE D 169 -23.89 0.60 -7.05
CA ILE D 169 -23.02 -0.27 -7.81
C ILE D 169 -21.66 -0.32 -7.12
N ARG D 170 -21.28 -1.52 -6.66
CA ARG D 170 -19.96 -1.78 -6.04
C ARG D 170 -18.95 -2.05 -7.17
N VAL D 171 -17.71 -1.59 -7.00
CA VAL D 171 -16.67 -1.80 -7.97
C VAL D 171 -15.44 -2.23 -7.20
N ASN D 172 -14.93 -3.43 -7.55
CA ASN D 172 -13.72 -3.96 -6.96
C ASN D 172 -12.84 -4.52 -8.04
N ALA D 173 -11.59 -4.84 -7.67
CA ALA D 173 -10.66 -5.54 -8.55
C ALA D 173 -10.12 -6.78 -7.85
N VAL D 174 -9.77 -7.77 -8.67
CA VAL D 174 -8.97 -8.90 -8.24
C VAL D 174 -7.62 -8.72 -8.92
N ALA D 175 -6.56 -9.07 -8.19
CA ALA D 175 -5.19 -8.89 -8.65
C ALA D 175 -4.51 -10.26 -8.69
N PRO D 176 -4.71 -11.05 -9.78
CA PRO D 176 -4.18 -12.41 -9.83
C PRO D 176 -2.64 -12.46 -9.89
N GLY D 177 -2.07 -13.55 -9.36
CA GLY D 177 -0.68 -13.89 -9.61
C GLY D 177 -0.58 -14.61 -10.95
N ALA D 178 0.41 -15.50 -11.05
CA ALA D 178 0.57 -16.37 -12.20
C ALA D 178 -0.49 -17.48 -12.20
N ILE D 179 -1.35 -17.43 -13.22
CA ILE D 179 -2.48 -18.32 -13.37
C ILE D 179 -2.22 -19.25 -14.56
N ALA D 180 -2.57 -20.53 -14.39
CA ALA D 180 -2.43 -21.53 -15.44
C ALA D 180 -3.52 -21.39 -16.51
N THR D 181 -3.50 -20.25 -17.21
CA THR D 181 -4.23 -20.04 -18.44
C THR D 181 -3.49 -20.71 -19.58
N GLU D 182 -4.15 -20.88 -20.73
CA GLU D 182 -3.48 -21.47 -21.92
C GLU D 182 -2.31 -20.59 -22.35
N ALA D 183 -2.48 -19.27 -22.28
CA ALA D 183 -1.38 -18.36 -22.62
C ALA D 183 -0.16 -18.67 -21.76
N VAL D 184 -0.39 -18.78 -20.44
CA VAL D 184 0.67 -19.06 -19.48
C VAL D 184 1.28 -20.46 -19.65
N LEU D 185 0.44 -21.47 -19.84
CA LEU D 185 0.91 -22.83 -20.07
C LEU D 185 1.73 -22.94 -21.35
N GLU D 186 1.35 -22.20 -22.38
CA GLU D 186 2.10 -22.20 -23.66
C GLU D 186 3.47 -21.55 -23.46
N ALA D 187 3.51 -20.39 -22.84
CA ALA D 187 4.79 -19.72 -22.58
C ALA D 187 5.79 -20.67 -21.91
N ILE D 188 5.30 -21.44 -20.93
CA ILE D 188 6.08 -22.44 -20.25
C ILE D 188 6.56 -23.47 -21.26
N ALA D 189 5.63 -23.97 -22.08
CA ALA D 189 5.90 -25.04 -23.05
C ALA D 189 6.93 -24.61 -24.10
N LEU D 190 6.93 -23.34 -24.49
CA LEU D 190 7.85 -22.87 -25.55
C LEU D 190 9.10 -22.27 -24.90
N SER D 191 9.27 -22.52 -23.60
CA SER D 191 10.48 -22.01 -22.90
C SER D 191 11.64 -22.96 -23.15
N PRO D 192 12.89 -22.47 -23.18
CA PRO D 192 14.03 -23.35 -23.32
C PRO D 192 14.04 -24.43 -22.23
N ASP D 193 13.60 -24.08 -21.02
CA ASP D 193 13.51 -25.09 -19.94
C ASP D 193 12.14 -25.00 -19.29
N PRO D 194 11.10 -25.64 -19.88
CA PRO D 194 9.74 -25.59 -19.34
C PRO D 194 9.65 -25.94 -17.85
N GLU D 195 10.36 -26.99 -17.41
CA GLU D 195 10.32 -27.45 -16.05
C GLU D 195 10.79 -26.36 -15.10
N ARG D 196 11.91 -25.71 -15.46
CA ARG D 196 12.51 -24.61 -14.66
C ARG D 196 11.54 -23.41 -14.63
N THR D 197 11.00 -23.01 -15.79
CA THR D 197 10.11 -21.85 -15.85
C THR D 197 8.88 -22.06 -14.96
N ARG D 198 8.30 -23.26 -15.06
CA ARG D 198 7.12 -23.68 -14.25
C ARG D 198 7.49 -23.57 -12.76
N ARG D 199 8.62 -24.17 -12.36
CA ARG D 199 9.06 -24.19 -10.94
C ARG D 199 9.28 -22.74 -10.45
N ASP D 200 9.90 -21.91 -11.27
CA ASP D 200 10.13 -20.51 -10.93
C ASP D 200 8.85 -19.70 -10.70
N TRP D 201 7.87 -19.89 -11.57
CA TRP D 201 6.60 -19.19 -11.49
C TRP D 201 5.70 -19.74 -10.39
N GLU D 202 5.75 -21.04 -10.15
CA GLU D 202 5.05 -21.65 -9.01
C GLU D 202 5.54 -21.01 -7.74
N ASP D 203 6.87 -20.85 -7.65
CA ASP D 203 7.56 -20.37 -6.47
C ASP D 203 7.49 -18.86 -6.27
N LEU D 204 6.83 -18.16 -7.19
CA LEU D 204 6.42 -16.78 -6.94
C LEU D 204 5.42 -16.70 -5.80
N HIS D 205 4.71 -17.81 -5.54
CA HIS D 205 3.65 -17.87 -4.58
C HIS D 205 4.07 -18.68 -3.37
N ALA D 206 3.58 -18.28 -2.20
CA ALA D 206 3.78 -19.04 -0.97
C ALA D 206 3.22 -20.47 -1.06
N LEU D 207 2.14 -20.66 -1.82
CA LEU D 207 1.50 -21.96 -2.00
C LEU D 207 2.26 -22.82 -3.01
N ARG D 208 3.26 -22.23 -3.67
CA ARG D 208 4.22 -22.95 -4.54
C ARG D 208 3.49 -23.76 -5.60
N ARG D 209 2.53 -23.14 -6.28
CA ARG D 209 1.85 -23.69 -7.47
C ARG D 209 1.26 -22.52 -8.26
N LEU D 210 0.92 -22.72 -9.53
CA LEU D 210 0.20 -21.72 -10.31
C LEU D 210 -1.22 -21.70 -9.79
N GLY D 211 -1.87 -20.55 -9.93
CA GLY D 211 -3.29 -20.44 -9.67
C GLY D 211 -4.06 -21.05 -10.82
N LYS D 212 -5.28 -21.52 -10.55
CA LYS D 212 -6.16 -22.00 -11.60
C LYS D 212 -7.15 -20.91 -11.97
N PRO D 213 -7.57 -20.80 -13.26
CA PRO D 213 -8.58 -19.82 -13.63
C PRO D 213 -9.84 -19.91 -12.76
N GLU D 214 -10.24 -21.12 -12.36
CA GLU D 214 -11.41 -21.34 -11.50
C GLU D 214 -11.28 -20.59 -10.17
N GLU D 215 -10.05 -20.53 -9.66
CA GLU D 215 -9.75 -19.86 -8.42
C GLU D 215 -9.95 -18.34 -8.55
N VAL D 216 -9.49 -17.76 -9.67
CA VAL D 216 -9.79 -16.36 -9.96
C VAL D 216 -11.31 -16.15 -10.08
N ALA D 217 -11.99 -17.07 -10.77
CA ALA D 217 -13.43 -17.00 -11.00
C ALA D 217 -14.22 -16.90 -9.69
N GLU D 218 -13.82 -17.70 -8.70
CA GLU D 218 -14.45 -17.68 -7.37
C GLU D 218 -14.35 -16.34 -6.68
N ALA D 219 -13.17 -15.71 -6.79
CA ALA D 219 -12.93 -14.40 -6.21
C ALA D 219 -13.83 -13.37 -6.88
N VAL D 220 -13.90 -13.43 -8.22
CA VAL D 220 -14.73 -12.53 -9.03
C VAL D 220 -16.19 -12.73 -8.66
N LEU D 221 -16.61 -13.99 -8.58
CA LEU D 221 -17.97 -14.38 -8.21
C LEU D 221 -18.38 -13.81 -6.86
N PHE D 222 -17.52 -13.98 -5.85
CA PHE D 222 -17.77 -13.47 -4.53
C PHE D 222 -17.97 -11.95 -4.51
N LEU D 223 -17.01 -11.21 -5.09
CA LEU D 223 -17.02 -9.75 -5.17
C LEU D 223 -18.20 -9.17 -5.92
N ALA D 224 -18.73 -9.93 -6.88
CA ALA D 224 -19.91 -9.58 -7.65
C ALA D 224 -21.24 -9.88 -6.94
N SER D 225 -21.20 -10.66 -5.86
CA SER D 225 -22.40 -11.14 -5.16
C SER D 225 -22.77 -10.26 -3.99
N GLU D 226 -23.98 -10.44 -3.46
CA GLU D 226 -24.47 -9.62 -2.33
C GLU D 226 -23.78 -10.04 -1.03
N LYS D 227 -22.87 -11.00 -1.08
CA LYS D 227 -22.10 -11.38 0.12
C LYS D 227 -20.97 -10.36 0.29
N ALA D 228 -20.67 -9.60 -0.77
CA ALA D 228 -19.67 -8.52 -0.67
C ALA D 228 -20.38 -7.17 -0.65
N SER D 229 -21.63 -7.13 -0.16
CA SER D 229 -22.44 -5.88 -0.05
C SER D 229 -21.69 -4.67 0.52
N PHE D 230 -20.80 -4.88 1.49
CA PHE D 230 -20.06 -3.76 2.07
C PHE D 230 -18.60 -3.74 1.62
N ILE D 231 -18.34 -4.32 0.45
CA ILE D 231 -17.03 -4.28 -0.15
C ILE D 231 -17.09 -3.55 -1.46
N THR D 232 -16.50 -2.36 -1.49
CA THR D 232 -16.35 -1.61 -2.72
C THR D 232 -15.02 -0.85 -2.67
N GLY D 233 -14.39 -0.70 -3.84
CA GLY D 233 -13.11 -0.01 -3.95
C GLY D 233 -11.90 -0.84 -3.57
N ALA D 234 -12.13 -2.10 -3.19
CA ALA D 234 -11.07 -2.99 -2.75
C ALA D 234 -10.33 -3.66 -3.92
N ILE D 235 -9.05 -3.93 -3.69
CA ILE D 235 -8.20 -4.67 -4.61
C ILE D 235 -7.79 -5.95 -3.89
N LEU D 236 -8.33 -7.09 -4.33
CA LEU D 236 -8.09 -8.37 -3.69
C LEU D 236 -7.02 -9.17 -4.44
N PRO D 237 -5.81 -9.36 -3.89
CA PRO D 237 -4.84 -10.28 -4.50
C PRO D 237 -5.41 -11.71 -4.53
N VAL D 238 -5.23 -12.39 -5.66
CA VAL D 238 -5.49 -13.83 -5.74
C VAL D 238 -4.21 -14.39 -6.29
N ASP D 239 -3.22 -14.49 -5.38
CA ASP D 239 -1.83 -14.67 -5.75
C ASP D 239 -1.07 -15.63 -4.85
N GLY D 240 -1.79 -16.53 -4.18
CA GLY D 240 -1.21 -17.48 -3.25
C GLY D 240 -0.04 -17.00 -2.40
N GLY D 241 -0.12 -15.74 -1.94
CA GLY D 241 0.85 -15.16 -1.03
C GLY D 241 2.03 -14.42 -1.64
N MET D 242 2.02 -14.26 -2.97
CA MET D 242 3.10 -13.61 -3.72
C MET D 242 3.47 -12.23 -3.18
N THR D 243 2.45 -11.38 -2.97
CA THR D 243 2.66 -10.01 -2.54
C THR D 243 2.75 -9.85 -1.04
N ALA D 244 2.71 -10.95 -0.31
CA ALA D 244 2.97 -10.96 1.13
C ALA D 244 4.47 -10.91 1.48
N SER D 245 5.33 -11.24 0.49
CA SER D 245 6.79 -11.20 0.63
C SER D 245 7.43 -10.08 -0.19
N PHE D 246 8.57 -9.56 0.29
CA PHE D 246 9.39 -8.59 -0.43
C PHE D 246 10.37 -9.25 -1.41
N MET D 247 10.34 -10.58 -1.49
CA MET D 247 11.11 -11.35 -2.43
C MET D 247 10.19 -12.47 -2.94
N MET D 248 10.75 -13.52 -3.54
CA MET D 248 9.95 -14.68 -3.95
C MET D 248 9.30 -15.35 -2.74
N ALA D 249 7.97 -15.30 -2.71
CA ALA D 249 7.19 -15.78 -1.58
C ALA D 249 7.36 -17.27 -1.40
N GLY D 250 7.56 -18.00 -2.50
CA GLY D 250 7.71 -19.44 -2.49
C GLY D 250 9.14 -19.95 -2.57
N ARG D 251 10.10 -19.04 -2.39
CA ARG D 251 11.55 -19.37 -2.43
C ARG D 251 12.35 -18.21 -1.84
N PRO D 252 12.38 -18.05 -0.50
CA PRO D 252 13.19 -17.02 0.15
C PRO D 252 14.71 -17.19 -0.03
N VAL D 253 15.48 -16.13 0.22
CA VAL D 253 16.95 -16.25 0.14
C VAL D 253 17.66 -15.70 1.36
#